data_4BCD
#
_entry.id   4BCD
#
_cell.length_a   70.760
_cell.length_b   99.210
_cell.length_c   110.950
_cell.angle_alpha   90.00
_cell.angle_beta   90.00
_cell.angle_gamma   90.00
#
_symmetry.space_group_name_H-M   'P 21 21 21'
#
loop_
_entity.id
_entity.type
_entity.pdbx_description
1 polymer 'PROLYL ENDOPEPTIDASE'
2 non-polymer 1-[(2S,4S)-4-[4-(4-fluorophenyl)-1,2,3-triazol-1-yl]-2-pyrrolidin-1-ylcarbonyl-pyrrolidin-1-yl]-4-phenyl-butan-1-one
3 non-polymer TRIS(HYDROXYETHYL)AMINOMETHANE
4 non-polymer GLYCEROL
5 water water
#
_entity_poly.entity_id   1
_entity_poly.type   'polypeptide(L)'
_entity_poly.pdbx_seq_one_letter_code
;MLSFQYPDVYRDETAIQDYHGHKVCDPYAWLEDPDSEQTKAFVEAQNKITVPFLEQCPIRGLYKERMTELYDYPKYSCHF
KKGKRYFYFYNTGLQNQRVLYVQDSLEGEARVFLDPNILSDDGTVALRGYAFSEDGEYFAYGLSASGSDWVTIKFMKVDG
AKELPDVLERVKFSCMAWTHDGKGMFYNAYPQQDGKSDGTETSTNLHQKLYYHVLGTDQSEDILCAEFPDEPKWMGGAEL
SDDGRYVLLSIREGCDPVNRLWYCDLQQESNGITGILKWVKLIDNFEGEYDYVTNEGTVFTFKTNRHSPNYRLINIDFTD
PEESKWKVLVPEHEKDVLEWVACVRSNFLVLCYLHDVKNTLQLHDLATGALLKIFPLEVGSVVGYSGQKKDTEIFYQFTS
FLSPGIIYHCDLTKEELEPRVFREVTVKGIDASDYQTVQIFYPSKDGTKIPMFIVHKKGIKLDGSHPAFLYGYGGFNISI
TPNYSVSRLIFVRHMGGVLAVANIRGGGEYGETWHKGGILANKQNCFDDFQCAAEYLIKEGYTSPKRLTINGGSNGGLLV
ATCANQRPDLFGCVIAQVGVMDMLKFHKYTIGHAWTTDYGCSDSKQHFEWLIKYSPLHNVKLPEADDIQYPSMLLLTADH
DDRVVPLHSLKFIATLQYIVGRSRKQNNPLLIHVDTKAGHGAGKPTAKVIEEVSDMFAFIARCLNIDWIP
;
_entity_poly.pdbx_strand_id   A
#
# COMPACT_ATOMS: atom_id res chain seq x y z
N MET A 1 -20.66 15.16 -26.30
CA MET A 1 -20.30 14.06 -25.36
C MET A 1 -20.99 14.20 -24.00
N LEU A 2 -21.15 15.44 -23.50
CA LEU A 2 -21.76 15.68 -22.19
C LEU A 2 -23.27 15.91 -22.27
N SER A 3 -24.02 14.86 -21.94
CA SER A 3 -25.49 14.85 -22.02
C SER A 3 -26.12 14.86 -20.63
N PHE A 4 -25.33 15.30 -19.66
CA PHE A 4 -25.81 15.38 -18.29
C PHE A 4 -25.52 16.79 -17.81
N GLN A 5 -26.09 17.16 -16.67
CA GLN A 5 -25.73 18.41 -16.05
C GLN A 5 -25.15 18.10 -14.68
N TYR A 6 -24.16 18.89 -14.27
CA TYR A 6 -23.64 18.77 -12.91
C TYR A 6 -24.68 19.18 -11.86
N PRO A 7 -24.69 18.47 -10.72
CA PRO A 7 -25.64 18.76 -9.63
C PRO A 7 -25.41 20.15 -9.06
N ASP A 8 -26.47 20.79 -8.60
CA ASP A 8 -26.25 22.04 -7.88
C ASP A 8 -25.69 21.66 -6.50
N VAL A 9 -24.73 22.45 -6.07
CA VAL A 9 -24.02 22.11 -4.84
C VAL A 9 -23.85 23.41 -4.06
N TYR A 10 -24.44 23.45 -2.87
CA TYR A 10 -24.40 24.68 -2.05
C TYR A 10 -22.99 25.13 -1.69
N ARG A 11 -22.72 26.43 -1.84
CA ARG A 11 -21.46 26.99 -1.45
C ARG A 11 -21.64 27.79 -0.16
N ASP A 12 -20.98 27.33 0.89
CA ASP A 12 -20.94 28.11 2.13
C ASP A 12 -19.86 29.19 2.01
N GLU A 13 -20.28 30.38 1.55
CA GLU A 13 -19.33 31.48 1.30
C GLU A 13 -18.86 32.11 2.60
N THR A 14 -19.47 31.71 3.73
CA THR A 14 -19.01 32.17 5.07
C THR A 14 -17.84 31.36 5.63
N ALA A 15 -17.54 30.21 5.02
CA ALA A 15 -16.50 29.32 5.56
C ALA A 15 -15.10 29.84 5.20
N ILE A 16 -14.46 30.56 6.12
CA ILE A 16 -13.23 31.30 5.85
C ILE A 16 -12.37 31.02 7.06
N GLN A 17 -11.12 30.60 6.82
CA GLN A 17 -10.17 30.34 7.90
C GLN A 17 -8.88 31.07 7.64
N ASP A 18 -8.28 31.64 8.70
CA ASP A 18 -6.98 32.27 8.56
C ASP A 18 -5.86 31.27 8.86
N TYR A 19 -4.94 31.14 7.90
CA TYR A 19 -3.76 30.32 8.10
C TYR A 19 -2.56 31.26 8.08
N HIS A 20 -2.08 31.64 9.24
CA HIS A 20 -0.87 32.49 9.35
C HIS A 20 -0.95 33.78 8.53
N GLY A 21 -2.14 34.38 8.48
CA GLY A 21 -2.35 35.59 7.67
C GLY A 21 -2.94 35.38 6.28
N HIS A 22 -2.99 34.11 5.83
CA HIS A 22 -3.47 33.76 4.50
C HIS A 22 -4.90 33.25 4.69
N LYS A 23 -5.86 33.96 4.11
CA LYS A 23 -7.26 33.56 4.25
C LYS A 23 -7.57 32.50 3.24
N VAL A 24 -8.28 31.48 3.69
CA VAL A 24 -8.66 30.38 2.82
C VAL A 24 -10.16 30.15 2.94
N CYS A 25 -10.84 30.21 1.80
CA CYS A 25 -12.27 29.90 1.80
C CYS A 25 -12.44 28.41 1.50
N ASP A 26 -13.37 27.77 2.21
CA ASP A 26 -13.66 26.34 2.06
C ASP A 26 -15.19 26.17 1.94
N PRO A 27 -15.78 26.58 0.81
CA PRO A 27 -17.24 26.59 0.63
C PRO A 27 -17.93 25.23 0.69
N TYR A 28 -17.15 24.15 0.54
CA TYR A 28 -17.68 22.79 0.61
C TYR A 28 -17.28 22.07 1.87
N ALA A 29 -16.91 22.82 2.92
CA ALA A 29 -16.51 22.22 4.18
C ALA A 29 -17.58 21.29 4.75
N TRP A 30 -18.84 21.57 4.45
CA TRP A 30 -19.96 20.73 4.91
C TRP A 30 -19.90 19.29 4.43
N LEU A 31 -19.18 19.06 3.33
CA LEU A 31 -18.99 17.68 2.83
C LEU A 31 -18.08 16.86 3.71
N GLU A 32 -17.49 17.48 4.73
CA GLU A 32 -16.68 16.74 5.71
C GLU A 32 -17.54 15.88 6.63
N ASP A 33 -18.86 16.12 6.69
CA ASP A 33 -19.74 15.30 7.53
C ASP A 33 -20.34 14.18 6.67
N PRO A 34 -19.86 12.95 6.83
CA PRO A 34 -20.37 11.87 5.95
C PRO A 34 -21.80 11.46 6.28
N ASP A 35 -22.28 11.87 7.44
CA ASP A 35 -23.59 11.40 7.95
C ASP A 35 -24.77 12.32 7.64
N SER A 36 -24.47 13.50 7.11
CA SER A 36 -25.55 14.47 6.86
C SER A 36 -26.40 14.12 5.66
N GLU A 37 -27.66 14.56 5.69
CA GLU A 37 -28.53 14.39 4.53
C GLU A 37 -27.95 15.11 3.33
N GLN A 38 -27.34 16.29 3.55
CA GLN A 38 -26.70 17.07 2.49
C GLN A 38 -25.58 16.29 1.79
N THR A 39 -24.69 15.67 2.58
CA THR A 39 -23.60 14.91 2.01
C THR A 39 -24.13 13.66 1.31
N LYS A 40 -25.08 12.97 1.94
CA LYS A 40 -25.64 11.77 1.29
C LYS A 40 -26.29 12.15 -0.04
N ALA A 41 -27.00 13.27 -0.08
CA ALA A 41 -27.69 13.70 -1.31
C ALA A 41 -26.65 14.09 -2.39
N PHE A 42 -25.56 14.71 -1.98
CA PHE A 42 -24.47 15.03 -2.90
C PHE A 42 -23.91 13.77 -3.53
N VAL A 43 -23.60 12.77 -2.71
CA VAL A 43 -23.03 11.54 -3.22
C VAL A 43 -23.99 10.88 -4.21
N GLU A 44 -25.28 10.81 -3.85
CA GLU A 44 -26.27 10.22 -4.75
C GLU A 44 -26.36 10.95 -6.09
N ALA A 45 -26.35 12.28 -6.03
CA ALA A 45 -26.45 13.08 -7.25
C ALA A 45 -25.24 12.91 -8.15
N GLN A 46 -24.07 12.73 -7.55
CA GLN A 46 -22.87 12.56 -8.35
C GLN A 46 -22.84 11.17 -9.00
N ASN A 47 -23.15 10.13 -8.24
CA ASN A 47 -23.22 8.80 -8.80
C ASN A 47 -24.26 8.72 -9.90
N LYS A 48 -25.34 9.50 -9.77
CA LYS A 48 -26.45 9.44 -10.74
C LYS A 48 -25.97 9.91 -12.13
N ILE A 49 -24.99 10.80 -12.20
CA ILE A 49 -24.45 11.21 -13.52
C ILE A 49 -23.27 10.34 -13.95
N THR A 50 -22.45 9.88 -13.02
CA THR A 50 -21.25 9.13 -13.42
C THR A 50 -21.58 7.75 -13.94
N VAL A 51 -22.50 7.05 -13.26
CA VAL A 51 -22.69 5.65 -13.61
C VAL A 51 -23.26 5.46 -15.03
N PRO A 52 -24.24 6.26 -15.44
CA PRO A 52 -24.67 6.13 -16.83
C PRO A 52 -23.59 6.52 -17.84
N PHE A 53 -22.71 7.44 -17.48
CA PHE A 53 -21.63 7.83 -18.38
C PHE A 53 -20.70 6.66 -18.59
N LEU A 54 -20.35 5.98 -17.50
CA LEU A 54 -19.44 4.84 -17.61
C LEU A 54 -20.07 3.63 -18.32
N GLU A 55 -21.34 3.38 -18.04
CA GLU A 55 -21.99 2.16 -18.55
C GLU A 55 -22.48 2.30 -20.01
N GLN A 56 -22.58 3.52 -20.54
CA GLN A 56 -23.18 3.78 -21.87
C GLN A 56 -22.55 3.07 -23.06
N CYS A 57 -21.27 3.31 -23.27
CA CYS A 57 -20.58 2.70 -24.42
C CYS A 57 -20.20 1.22 -24.21
N PRO A 58 -20.57 0.37 -25.20
CA PRO A 58 -20.36 -1.07 -25.24
C PRO A 58 -18.95 -1.48 -24.83
N ILE A 59 -17.99 -0.58 -24.93
CA ILE A 59 -16.60 -0.96 -24.58
C ILE A 59 -16.44 -1.45 -23.14
N ARG A 60 -17.24 -0.91 -22.21
CA ARG A 60 -17.18 -1.40 -20.83
C ARG A 60 -17.49 -2.89 -20.72
N GLY A 61 -18.53 -3.34 -21.42
CA GLY A 61 -18.87 -4.77 -21.39
C GLY A 61 -17.80 -5.64 -22.02
N LEU A 62 -17.19 -5.17 -23.10
CA LEU A 62 -16.11 -5.89 -23.77
C LEU A 62 -14.93 -6.02 -22.82
N TYR A 63 -14.57 -4.92 -22.19
CA TYR A 63 -13.48 -4.92 -21.23
C TYR A 63 -13.79 -5.85 -20.03
N LYS A 64 -14.99 -5.71 -19.47
CA LYS A 64 -15.38 -6.55 -18.34
C LYS A 64 -15.34 -8.03 -18.68
N GLU A 65 -15.87 -8.39 -19.83
CA GLU A 65 -15.82 -9.81 -20.25
C GLU A 65 -14.36 -10.31 -20.37
N ARG A 66 -13.49 -9.51 -20.95
CA ARG A 66 -12.12 -9.95 -21.16
C ARG A 66 -11.39 -10.01 -19.82
N MET A 67 -11.68 -9.05 -18.93
CA MET A 67 -11.06 -9.06 -17.61
C MET A 67 -11.50 -10.28 -16.82
N THR A 68 -12.79 -10.60 -16.91
CA THR A 68 -13.30 -11.79 -16.21
C THR A 68 -12.65 -13.07 -16.72
N GLU A 69 -12.47 -13.18 -18.04
CA GLU A 69 -11.78 -14.33 -18.64
C GLU A 69 -10.29 -14.41 -18.26
N LEU A 70 -9.56 -13.32 -18.49
CA LEU A 70 -8.11 -13.33 -18.32
C LEU A 70 -7.65 -13.31 -16.85
N TYR A 71 -8.46 -12.71 -15.97
CA TYR A 71 -8.13 -12.72 -14.51
C TYR A 71 -8.48 -14.05 -13.84
N ASP A 72 -9.22 -14.91 -14.55
CA ASP A 72 -9.55 -16.23 -14.04
C ASP A 72 -8.40 -17.20 -14.25
N TYR A 73 -7.41 -17.08 -13.39
CA TYR A 73 -6.27 -18.01 -13.37
C TYR A 73 -5.98 -18.28 -11.90
N PRO A 74 -5.40 -19.44 -11.59
CA PRO A 74 -5.12 -19.80 -10.18
C PRO A 74 -4.08 -18.91 -9.55
N LYS A 75 -4.35 -18.47 -8.33
CA LYS A 75 -3.49 -17.53 -7.62
C LYS A 75 -3.08 -18.14 -6.29
N TYR A 76 -1.78 -18.42 -6.13
CA TYR A 76 -1.26 -19.02 -4.91
C TYR A 76 -0.37 -18.04 -4.15
N SER A 77 -0.37 -18.12 -2.81
CA SER A 77 0.75 -17.59 -2.02
C SER A 77 1.81 -18.68 -1.86
N CYS A 78 2.98 -18.26 -1.35
CA CYS A 78 3.97 -19.23 -0.84
C CYS A 78 3.36 -20.17 0.20
N HIS A 79 3.81 -21.42 0.18
CA HIS A 79 3.60 -22.31 1.35
C HIS A 79 4.41 -21.79 2.51
N PHE A 80 3.92 -22.03 3.73
CA PHE A 80 4.69 -21.71 4.94
C PHE A 80 4.34 -22.72 6.01
N LYS A 81 5.36 -23.17 6.76
CA LYS A 81 5.14 -24.21 7.76
C LYS A 81 4.93 -23.51 9.12
N LYS A 82 3.96 -24.01 9.89
CA LYS A 82 3.75 -23.57 11.26
C LYS A 82 3.52 -24.82 12.09
N GLY A 83 4.40 -25.05 13.05
CA GLY A 83 4.40 -26.31 13.80
C GLY A 83 4.57 -27.48 12.85
N LYS A 84 3.65 -28.44 12.97
CA LYS A 84 3.66 -29.66 12.20
C LYS A 84 2.98 -29.60 10.83
N ARG A 85 2.48 -28.44 10.41
CA ARG A 85 1.64 -28.39 9.21
C ARG A 85 2.09 -27.31 8.25
N TYR A 86 1.73 -27.46 6.99
CA TYR A 86 1.93 -26.40 6.01
C TYR A 86 0.64 -25.67 5.71
N PHE A 87 0.77 -24.39 5.43
CA PHE A 87 -0.37 -23.55 5.02
C PHE A 87 -0.04 -22.79 3.74
N TYR A 88 -1.09 -22.40 3.00
CA TYR A 88 -0.93 -21.50 1.86
C TYR A 88 -2.27 -20.89 1.51
N PHE A 89 -2.24 -19.72 0.89
CA PHE A 89 -3.44 -19.12 0.34
C PHE A 89 -3.62 -19.49 -1.12
N TYR A 90 -4.87 -19.61 -1.53
CA TYR A 90 -5.18 -20.04 -2.90
C TYR A 90 -6.53 -19.48 -3.32
N ASN A 91 -6.61 -18.97 -4.54
CA ASN A 91 -7.86 -18.55 -5.16
C ASN A 91 -7.93 -19.31 -6.46
N THR A 92 -9.03 -20.04 -6.67
CA THR A 92 -9.16 -20.85 -7.88
C THR A 92 -9.15 -19.97 -9.14
N GLY A 93 -9.53 -18.70 -9.00
CA GLY A 93 -9.37 -17.69 -10.04
C GLY A 93 -10.22 -16.46 -9.78
N LEU A 94 -11.53 -16.68 -9.55
CA LEU A 94 -12.48 -15.56 -9.44
C LEU A 94 -13.19 -15.51 -8.09
N GLN A 95 -12.71 -16.27 -7.11
CA GLN A 95 -13.27 -16.13 -5.77
C GLN A 95 -13.07 -14.71 -5.26
N ASN A 96 -14.04 -14.21 -4.52
CA ASN A 96 -13.93 -12.84 -4.04
C ASN A 96 -12.71 -12.66 -3.13
N GLN A 97 -12.45 -13.68 -2.30
CA GLN A 97 -11.32 -13.65 -1.38
C GLN A 97 -10.52 -14.91 -1.53
N ARG A 98 -9.21 -14.79 -1.38
CA ARG A 98 -8.39 -16.01 -1.32
C ARG A 98 -8.66 -16.81 -0.04
N VAL A 99 -8.45 -18.12 -0.16
CA VAL A 99 -8.78 -19.08 0.92
C VAL A 99 -7.49 -19.64 1.52
N LEU A 100 -7.47 -19.79 2.86
CA LEU A 100 -6.31 -20.36 3.53
C LEU A 100 -6.50 -21.86 3.62
N TYR A 101 -5.52 -22.59 3.12
CA TYR A 101 -5.50 -24.07 3.15
C TYR A 101 -4.45 -24.58 4.10
N VAL A 102 -4.65 -25.82 4.56
CA VAL A 102 -3.71 -26.52 5.41
C VAL A 102 -3.44 -27.92 4.85
N GLN A 103 -2.20 -28.38 5.04
CA GLN A 103 -1.90 -29.80 4.79
C GLN A 103 -0.90 -30.32 5.80
N ASP A 104 -0.87 -31.63 6.00
CA ASP A 104 0.03 -32.22 6.99
C ASP A 104 1.47 -32.48 6.49
N SER A 105 1.68 -32.40 5.18
CA SER A 105 2.99 -32.48 4.55
C SER A 105 2.89 -31.90 3.15
N LEU A 106 4.03 -31.64 2.51
CA LEU A 106 4.03 -31.16 1.10
C LEU A 106 3.33 -32.09 0.10
N GLU A 107 3.45 -33.40 0.33
CA GLU A 107 2.83 -34.43 -0.52
C GLU A 107 1.40 -34.76 -0.08
N GLY A 108 0.94 -34.12 0.99
CA GLY A 108 -0.33 -34.45 1.61
C GLY A 108 -1.53 -33.74 1.02
N GLU A 109 -2.71 -34.31 1.23
CA GLU A 109 -3.95 -33.73 0.73
C GLU A 109 -4.19 -32.41 1.47
N ALA A 110 -4.55 -31.36 0.74
CA ALA A 110 -4.83 -30.07 1.39
C ALA A 110 -6.32 -29.95 1.70
N ARG A 111 -6.64 -29.23 2.77
CA ARG A 111 -8.02 -28.93 3.07
C ARG A 111 -8.23 -27.47 3.46
N VAL A 112 -9.46 -27.01 3.30
CA VAL A 112 -9.79 -25.63 3.66
C VAL A 112 -9.61 -25.43 5.18
N PHE A 113 -8.87 -24.39 5.53
CA PHE A 113 -8.65 -24.02 6.91
C PHE A 113 -9.47 -22.78 7.28
N LEU A 114 -9.41 -21.73 6.46
CA LEU A 114 -10.24 -20.54 6.68
C LEU A 114 -10.64 -19.97 5.33
N ASP A 115 -11.95 -19.91 5.12
CA ASP A 115 -12.54 -19.39 3.90
C ASP A 115 -13.34 -18.13 4.19
N PRO A 116 -12.76 -16.96 3.96
CA PRO A 116 -13.47 -15.73 4.22
C PRO A 116 -14.69 -15.52 3.34
N ASN A 117 -14.79 -16.25 2.22
CA ASN A 117 -15.93 -16.02 1.31
C ASN A 117 -17.26 -16.32 1.94
N ILE A 118 -17.26 -17.29 2.84
CA ILE A 118 -18.52 -17.66 3.49
C ILE A 118 -18.99 -16.68 4.56
N LEU A 119 -18.19 -15.64 4.82
CA LEU A 119 -18.52 -14.65 5.86
C LEU A 119 -19.36 -13.47 5.34
N SER A 120 -19.57 -13.39 4.02
CA SER A 120 -20.46 -12.35 3.46
C SER A 120 -20.96 -12.77 2.07
N ASP A 121 -22.11 -12.24 1.67
CA ASP A 121 -22.65 -12.58 0.35
C ASP A 121 -21.80 -11.99 -0.77
N ASP A 122 -21.20 -10.85 -0.47
CA ASP A 122 -20.57 -10.08 -1.51
C ASP A 122 -19.07 -10.00 -1.38
N GLY A 123 -18.48 -10.83 -0.51
CA GLY A 123 -17.02 -10.85 -0.39
C GLY A 123 -16.41 -9.63 0.31
N THR A 124 -17.22 -8.89 1.05
CA THR A 124 -16.75 -7.64 1.68
C THR A 124 -16.29 -7.82 3.11
N VAL A 125 -16.16 -9.06 3.58
CA VAL A 125 -15.47 -9.33 4.83
C VAL A 125 -14.16 -10.01 4.41
N ALA A 126 -13.04 -9.45 4.87
CA ALA A 126 -11.73 -9.89 4.45
C ALA A 126 -10.81 -10.12 5.62
N LEU A 127 -9.88 -11.06 5.41
CA LEU A 127 -8.79 -11.21 6.38
C LEU A 127 -7.90 -9.95 6.40
N ARG A 128 -7.52 -9.47 7.60
CA ARG A 128 -6.58 -8.34 7.72
C ARG A 128 -5.67 -8.63 8.93
N GLY A 129 -4.55 -9.31 8.64
CA GLY A 129 -3.59 -9.72 9.66
C GLY A 129 -3.89 -11.06 10.25
N TYR A 130 -2.86 -11.79 10.61
CA TYR A 130 -3.02 -13.06 11.36
C TYR A 130 -1.71 -13.42 12.04
N ALA A 131 -1.80 -14.32 13.00
CA ALA A 131 -0.60 -14.82 13.70
C ALA A 131 -0.89 -16.19 14.25
N PHE A 132 -0.01 -17.13 13.92
CA PHE A 132 -0.01 -18.45 14.55
C PHE A 132 0.75 -18.39 15.86
N SER A 133 0.29 -19.18 16.84
CA SER A 133 1.09 -19.41 18.02
C SER A 133 2.43 -20.08 17.61
N GLU A 134 3.43 -19.97 18.48
CA GLU A 134 4.77 -20.47 18.12
C GLU A 134 4.79 -21.97 17.80
N ASP A 135 3.94 -22.74 18.48
CA ASP A 135 3.85 -24.19 18.21
C ASP A 135 2.96 -24.55 17.01
N GLY A 136 2.35 -23.54 16.39
CA GLY A 136 1.46 -23.79 15.23
C GLY A 136 0.09 -24.36 15.55
N GLU A 137 -0.25 -24.50 16.85
CA GLU A 137 -1.50 -25.15 17.24
C GLU A 137 -2.68 -24.23 17.42
N TYR A 138 -2.42 -22.92 17.51
CA TYR A 138 -3.51 -21.93 17.64
C TYR A 138 -3.29 -20.80 16.65
N PHE A 139 -4.36 -20.07 16.36
CA PHE A 139 -4.35 -19.15 15.19
C PHE A 139 -5.25 -17.98 15.55
N ALA A 140 -4.70 -16.77 15.44
CA ALA A 140 -5.46 -15.54 15.59
C ALA A 140 -5.56 -14.89 14.23
N TYR A 141 -6.71 -14.28 13.92
CA TYR A 141 -6.87 -13.62 12.63
C TYR A 141 -7.75 -12.40 12.74
N GLY A 142 -7.42 -11.35 11.96
CA GLY A 142 -8.24 -10.15 11.96
C GLY A 142 -9.23 -10.20 10.81
N LEU A 143 -10.42 -9.70 11.06
CA LEU A 143 -11.44 -9.52 10.02
C LEU A 143 -11.81 -8.06 9.93
N SER A 144 -11.82 -7.57 8.69
CA SER A 144 -12.32 -6.20 8.39
C SER A 144 -13.56 -6.27 7.52
N ALA A 145 -14.53 -5.41 7.84
CA ALA A 145 -15.77 -5.35 7.07
C ALA A 145 -15.81 -4.11 6.17
N SER A 146 -16.24 -4.30 4.93
CA SER A 146 -16.50 -3.20 3.99
C SER A 146 -15.26 -2.39 3.73
N GLY A 147 -14.09 -3.00 3.92
CA GLY A 147 -12.83 -2.36 3.51
C GLY A 147 -12.27 -1.40 4.54
N SER A 148 -12.90 -1.32 5.71
CA SER A 148 -12.38 -0.45 6.77
C SER A 148 -11.05 -0.96 7.35
N ASP A 149 -10.27 -0.04 7.90
CA ASP A 149 -9.07 -0.39 8.66
C ASP A 149 -9.41 -1.04 10.02
N TRP A 150 -10.62 -0.84 10.56
CA TRP A 150 -10.97 -1.51 11.83
C TRP A 150 -10.96 -3.03 11.68
N VAL A 151 -10.47 -3.67 12.72
CA VAL A 151 -10.29 -5.11 12.78
C VAL A 151 -11.02 -5.68 14.02
N THR A 152 -11.62 -6.85 13.85
CA THR A 152 -12.01 -7.70 14.96
C THR A 152 -11.11 -8.92 14.91
N ILE A 153 -10.42 -9.22 16.01
CA ILE A 153 -9.57 -10.42 16.06
C ILE A 153 -10.34 -11.61 16.61
N LYS A 154 -10.28 -12.70 15.87
CA LYS A 154 -10.88 -13.99 16.27
C LYS A 154 -9.81 -15.06 16.36
N PHE A 155 -10.18 -16.19 16.93
CA PHE A 155 -9.20 -17.23 17.27
C PHE A 155 -9.73 -18.61 16.89
N MET A 156 -8.81 -19.49 16.52
CA MET A 156 -9.12 -20.89 16.22
C MET A 156 -8.09 -21.82 16.78
N LYS A 157 -8.53 -23.01 17.18
CA LYS A 157 -7.58 -24.12 17.42
C LYS A 157 -7.31 -24.80 16.07
N VAL A 158 -6.04 -24.96 15.71
CA VAL A 158 -5.71 -25.46 14.38
C VAL A 158 -6.21 -26.87 14.11
N ASP A 159 -5.95 -27.77 15.05
CA ASP A 159 -6.40 -29.16 14.92
C ASP A 159 -7.94 -29.20 14.94
N GLY A 160 -8.52 -29.54 13.77
CA GLY A 160 -9.99 -29.54 13.61
C GLY A 160 -10.59 -28.20 13.23
N ALA A 161 -9.73 -27.19 13.05
CA ALA A 161 -10.16 -25.84 12.69
C ALA A 161 -11.36 -25.40 13.53
N LYS A 162 -11.18 -25.45 14.86
CA LYS A 162 -12.24 -25.20 15.82
C LYS A 162 -12.30 -23.74 16.18
N GLU A 163 -13.46 -23.11 16.02
CA GLU A 163 -13.66 -21.74 16.46
C GLU A 163 -13.62 -21.66 17.98
N LEU A 164 -12.88 -20.68 18.47
CA LEU A 164 -12.84 -20.40 19.89
C LEU A 164 -13.68 -19.16 20.23
N PRO A 165 -14.00 -18.94 21.51
CA PRO A 165 -14.89 -17.81 21.87
C PRO A 165 -14.20 -16.44 21.86
N ASP A 166 -12.87 -16.41 21.95
CA ASP A 166 -12.12 -15.15 22.13
C ASP A 166 -12.37 -14.19 20.98
N VAL A 167 -12.75 -12.96 21.33
CA VAL A 167 -12.97 -11.94 20.30
C VAL A 167 -12.41 -10.62 20.81
N LEU A 168 -11.58 -9.93 20.00
CA LEU A 168 -10.99 -8.65 20.40
C LEU A 168 -11.47 -7.53 19.47
N GLU A 169 -12.03 -6.50 20.08
CA GLU A 169 -12.57 -5.33 19.36
C GLU A 169 -11.69 -4.11 19.58
N ARG A 170 -11.97 -3.09 18.77
CA ARG A 170 -11.28 -1.80 18.78
C ARG A 170 -9.82 -1.90 18.34
N VAL A 171 -9.55 -2.93 17.55
CA VAL A 171 -8.22 -3.20 17.04
C VAL A 171 -8.06 -2.41 15.74
N LYS A 172 -6.96 -1.67 15.61
CA LYS A 172 -6.62 -0.98 14.35
C LYS A 172 -5.11 -0.75 14.31
N PHE A 173 -4.49 -0.92 13.13
CA PHE A 173 -3.03 -0.76 12.92
C PHE A 173 -2.27 -1.56 14.01
N SER A 174 -2.64 -2.81 14.13
CA SER A 174 -2.21 -3.63 15.25
C SER A 174 -1.16 -4.66 14.92
N CYS A 175 -0.29 -4.86 15.88
CA CYS A 175 0.55 -6.08 15.90
C CYS A 175 -0.28 -7.30 16.33
N MET A 176 0.28 -8.48 16.08
CA MET A 176 -0.28 -9.74 16.60
C MET A 176 0.91 -10.61 16.91
N ALA A 177 1.22 -10.83 18.17
CA ALA A 177 2.40 -11.60 18.53
C ALA A 177 2.14 -12.45 19.76
N TRP A 178 2.20 -13.78 19.58
CA TRP A 178 1.97 -14.70 20.70
C TRP A 178 3.25 -14.87 21.54
N THR A 179 3.10 -14.90 22.86
CA THR A 179 4.22 -15.34 23.69
C THR A 179 4.48 -16.82 23.42
N HIS A 180 5.74 -17.25 23.53
CA HIS A 180 6.09 -18.62 23.13
C HIS A 180 5.63 -19.65 24.16
N ASP A 181 5.18 -19.21 25.33
CA ASP A 181 4.51 -20.13 26.24
C ASP A 181 3.10 -20.50 25.83
N GLY A 182 2.60 -19.89 24.76
CA GLY A 182 1.27 -20.19 24.26
C GLY A 182 0.12 -19.69 25.12
N LYS A 183 0.41 -18.85 26.12
CA LYS A 183 -0.62 -18.34 27.03
C LYS A 183 -1.52 -17.28 26.40
N GLY A 184 -0.96 -16.49 25.50
CA GLY A 184 -1.70 -15.30 25.06
C GLY A 184 -0.96 -14.55 24.00
N MET A 185 -1.54 -13.41 23.60
CA MET A 185 -1.06 -12.69 22.41
C MET A 185 -1.12 -11.19 22.68
N PHE A 186 -0.04 -10.51 22.28
CA PHE A 186 -0.04 -9.05 22.20
C PHE A 186 -0.77 -8.55 20.98
N TYR A 187 -1.43 -7.40 21.15
CA TYR A 187 -2.16 -6.71 20.08
C TYR A 187 -2.33 -5.26 20.47
N ASN A 188 -2.80 -4.41 19.55
CA ASN A 188 -3.06 -3.00 19.86
C ASN A 188 -4.55 -2.70 19.77
N ALA A 189 -5.01 -1.77 20.62
CA ALA A 189 -6.36 -1.24 20.53
C ALA A 189 -6.40 0.24 20.84
N TYR A 190 -7.46 0.88 20.34
CA TYR A 190 -7.75 2.28 20.64
C TYR A 190 -8.84 2.39 21.68
N PRO A 191 -8.80 3.47 22.47
CA PRO A 191 -9.84 3.67 23.46
C PRO A 191 -11.20 3.90 22.82
N GLN A 192 -12.25 3.65 23.60
CA GLN A 192 -13.60 3.93 23.11
C GLN A 192 -13.75 5.37 22.69
N GLN A 193 -14.56 5.59 21.66
CA GLN A 193 -14.84 6.92 21.17
C GLN A 193 -16.31 7.13 20.88
N ASP A 194 -16.74 8.38 20.94
CA ASP A 194 -18.11 8.75 20.61
C ASP A 194 -18.32 8.51 19.11
N GLY A 195 -19.57 8.22 18.76
CA GLY A 195 -19.94 7.98 17.38
C GLY A 195 -19.53 6.62 16.89
N LYS A 196 -19.52 6.47 15.58
CA LYS A 196 -19.26 5.19 14.94
C LYS A 196 -17.79 4.85 14.85
N SER A 197 -17.52 3.54 14.83
CA SER A 197 -16.19 3.00 14.56
C SER A 197 -16.34 1.88 13.54
N ASP A 198 -16.87 2.23 12.38
CA ASP A 198 -17.13 1.24 11.32
C ASP A 198 -16.45 1.55 10.00
N GLY A 199 -15.72 2.66 9.95
CA GLY A 199 -15.08 3.05 8.70
C GLY A 199 -15.75 4.19 7.97
N THR A 200 -16.96 4.56 8.41
CA THR A 200 -17.63 5.73 7.82
C THR A 200 -17.36 7.01 8.60
N GLU A 201 -16.81 6.90 9.80
CA GLU A 201 -16.49 8.09 10.59
C GLU A 201 -15.19 8.73 10.17
N THR A 202 -14.96 9.96 10.63
CA THR A 202 -13.74 10.68 10.26
C THR A 202 -12.86 10.91 11.47
N SER A 203 -13.30 10.44 12.62
CA SER A 203 -12.66 10.72 13.93
C SER A 203 -11.17 10.33 13.95
N THR A 204 -10.35 11.22 14.50
CA THR A 204 -8.89 11.00 14.57
C THR A 204 -8.60 9.86 15.53
N ASN A 205 -7.57 9.09 15.20
CA ASN A 205 -7.18 7.93 16.01
C ASN A 205 -5.93 8.26 16.81
N LEU A 206 -6.11 8.34 18.12
CA LEU A 206 -5.05 8.70 19.08
C LEU A 206 -5.05 7.76 20.28
N HIS A 207 -3.92 7.75 20.98
CA HIS A 207 -3.80 6.97 22.23
C HIS A 207 -3.90 5.46 22.02
N GLN A 208 -3.30 4.98 20.95
CA GLN A 208 -3.24 3.55 20.74
C GLN A 208 -2.42 2.89 21.84
N LYS A 209 -2.93 1.77 22.36
CA LYS A 209 -2.22 1.09 23.47
C LYS A 209 -1.83 -0.33 23.08
N LEU A 210 -0.91 -0.90 23.85
CA LEU A 210 -0.48 -2.29 23.67
C LEU A 210 -1.07 -3.14 24.80
N TYR A 211 -1.83 -4.18 24.43
CA TYR A 211 -2.50 -5.07 25.39
C TYR A 211 -2.01 -6.49 25.20
N TYR A 212 -2.22 -7.32 26.21
CA TYR A 212 -1.93 -8.74 26.13
C TYR A 212 -3.23 -9.47 26.47
N HIS A 213 -3.67 -10.29 25.52
CA HIS A 213 -4.85 -11.12 25.73
C HIS A 213 -4.46 -12.55 26.11
N VAL A 214 -4.95 -12.99 27.27
CA VAL A 214 -4.79 -14.40 27.68
C VAL A 214 -5.86 -15.25 27.00
N LEU A 215 -5.45 -16.29 26.27
CA LEU A 215 -6.42 -17.13 25.56
C LEU A 215 -7.38 -17.76 26.58
N GLY A 216 -8.67 -17.71 26.27
CA GLY A 216 -9.71 -18.30 27.14
C GLY A 216 -10.30 -17.32 28.15
N THR A 217 -10.02 -16.03 27.97
CA THR A 217 -10.59 -14.98 28.84
C THR A 217 -11.33 -13.95 28.01
N ASP A 218 -12.09 -13.10 28.69
CA ASP A 218 -12.76 -11.95 28.05
C ASP A 218 -11.76 -10.83 27.82
N GLN A 219 -11.98 -10.06 26.77
CA GLN A 219 -11.12 -8.92 26.45
C GLN A 219 -11.00 -7.91 27.59
N SER A 220 -12.06 -7.80 28.40
CA SER A 220 -12.05 -6.87 29.54
C SER A 220 -10.98 -7.20 30.58
N GLU A 221 -10.47 -8.43 30.55
CA GLU A 221 -9.41 -8.84 31.49
C GLU A 221 -8.01 -8.63 30.90
N ASP A 222 -7.92 -8.15 29.66
CA ASP A 222 -6.59 -8.01 29.01
C ASP A 222 -5.66 -7.06 29.79
N ILE A 223 -4.37 -7.37 29.75
CA ILE A 223 -3.36 -6.64 30.51
C ILE A 223 -2.84 -5.48 29.64
N LEU A 224 -2.80 -4.26 30.21
CA LEU A 224 -2.17 -3.13 29.53
C LEU A 224 -0.68 -3.22 29.78
N CYS A 225 0.08 -3.29 28.67
CA CYS A 225 1.53 -3.52 28.74
C CYS A 225 2.40 -2.33 28.34
N ALA A 226 1.86 -1.44 27.50
CA ALA A 226 2.52 -0.17 27.18
C ALA A 226 1.48 0.85 26.78
N GLU A 227 1.71 2.08 27.22
CA GLU A 227 0.88 3.21 26.78
C GLU A 227 1.70 4.49 26.83
N PHE A 228 1.25 5.49 26.06
CA PHE A 228 2.01 6.74 25.91
C PHE A 228 1.10 7.92 26.11
N PRO A 229 0.61 8.13 27.36
CA PRO A 229 -0.43 9.14 27.56
C PRO A 229 -0.02 10.59 27.20
N ASP A 230 1.28 10.87 27.22
CA ASP A 230 1.77 12.22 26.92
C ASP A 230 2.13 12.35 25.44
N GLU A 231 1.97 11.26 24.68
CA GLU A 231 2.37 11.26 23.26
C GLU A 231 1.27 10.55 22.49
N PRO A 232 0.18 11.27 22.22
CA PRO A 232 -1.01 10.62 21.65
C PRO A 232 -0.86 9.98 20.28
N LYS A 233 0.16 10.38 19.52
CA LYS A 233 0.38 9.84 18.16
C LYS A 233 1.28 8.63 18.16
N TRP A 234 1.91 8.29 19.30
CA TRP A 234 2.78 7.13 19.29
C TRP A 234 2.04 5.80 19.18
N MET A 235 2.67 4.87 18.47
CA MET A 235 2.07 3.54 18.26
C MET A 235 3.17 2.54 18.54
N GLY A 236 2.93 1.66 19.50
CA GLY A 236 3.91 0.66 19.95
C GLY A 236 3.51 -0.75 19.52
N GLY A 237 4.26 -1.31 18.59
CA GLY A 237 3.99 -2.68 18.08
C GLY A 237 4.97 -3.65 18.70
N ALA A 238 4.46 -4.79 19.18
CA ALA A 238 5.26 -5.84 19.81
C ALA A 238 5.54 -7.00 18.90
N GLU A 239 6.71 -7.61 19.09
CA GLU A 239 7.07 -8.89 18.45
C GLU A 239 7.92 -9.65 19.47
N LEU A 240 7.88 -10.98 19.43
CA LEU A 240 8.78 -11.80 20.25
C LEU A 240 10.05 -12.11 19.48
N SER A 241 11.19 -12.07 20.19
CA SER A 241 12.40 -12.62 19.61
C SER A 241 12.21 -14.10 19.25
N ASP A 242 13.04 -14.60 18.35
CA ASP A 242 12.87 -15.97 17.81
C ASP A 242 13.01 -17.02 18.90
N ASP A 243 13.77 -16.73 19.96
CA ASP A 243 13.95 -17.64 21.10
C ASP A 243 12.87 -17.49 22.18
N GLY A 244 11.95 -16.54 21.97
CA GLY A 244 10.83 -16.34 22.89
C GLY A 244 11.17 -15.54 24.13
N ARG A 245 12.45 -15.17 24.28
CA ARG A 245 12.89 -14.54 25.53
C ARG A 245 12.52 -13.08 25.69
N TYR A 246 12.49 -12.34 24.58
CA TYR A 246 12.33 -10.90 24.62
C TYR A 246 11.11 -10.45 23.88
N VAL A 247 10.37 -9.51 24.46
CA VAL A 247 9.37 -8.73 23.68
C VAL A 247 10.10 -7.51 23.18
N LEU A 248 10.04 -7.28 21.85
CA LEU A 248 10.65 -6.08 21.23
C LEU A 248 9.52 -5.13 20.87
N LEU A 249 9.63 -3.90 21.35
CA LEU A 249 8.58 -2.87 21.12
C LEU A 249 9.13 -1.85 20.15
N SER A 250 8.48 -1.73 18.99
CA SER A 250 8.87 -0.76 17.97
C SER A 250 7.89 0.36 18.03
N ILE A 251 8.31 1.51 18.51
CA ILE A 251 7.39 2.67 18.63
C ILE A 251 7.55 3.57 17.40
N ARG A 252 6.43 3.82 16.73
CA ARG A 252 6.38 4.75 15.61
C ARG A 252 5.59 6.01 15.94
N GLU A 253 5.99 7.11 15.32
CA GLU A 253 5.17 8.33 15.26
C GLU A 253 5.27 8.90 13.85
N GLY A 254 4.25 8.64 13.08
CA GLY A 254 4.27 9.08 11.70
C GLY A 254 4.77 7.93 10.84
N CYS A 255 4.91 8.25 9.56
CA CYS A 255 5.18 7.25 8.52
C CYS A 255 6.64 7.12 8.08
N ASP A 256 7.56 7.90 8.68
CA ASP A 256 8.96 7.79 8.32
C ASP A 256 9.48 6.40 8.74
N PRO A 257 10.49 5.93 8.02
CA PRO A 257 11.11 4.65 8.40
C PRO A 257 12.10 4.88 9.53
N VAL A 258 11.54 5.10 10.71
CA VAL A 258 12.27 5.24 11.99
C VAL A 258 11.42 4.66 13.09
N ASN A 259 12.07 4.27 14.19
CA ASN A 259 11.32 3.77 15.33
C ASN A 259 12.16 3.84 16.59
N ARG A 260 11.52 4.07 17.75
CA ARG A 260 12.18 3.68 19.02
C ARG A 260 12.18 2.15 19.11
N LEU A 261 13.13 1.60 19.86
CA LEU A 261 13.20 0.18 20.06
C LEU A 261 13.42 -0.04 21.55
N TRP A 262 12.39 -0.55 22.22
CA TRP A 262 12.52 -0.93 23.63
C TRP A 262 12.41 -2.44 23.70
N TYR A 263 12.98 -3.03 24.74
CA TYR A 263 12.83 -4.47 24.91
C TYR A 263 12.44 -4.85 26.33
N CYS A 264 11.82 -6.03 26.43
CA CYS A 264 11.50 -6.58 27.77
C CYS A 264 12.04 -7.99 27.78
N ASP A 265 12.97 -8.26 28.70
CA ASP A 265 13.39 -9.62 28.95
C ASP A 265 12.32 -10.33 29.80
N LEU A 266 11.54 -11.24 29.20
CA LEU A 266 10.36 -11.80 29.89
C LEU A 266 10.72 -12.58 31.14
N GLN A 267 11.93 -13.12 31.16
CA GLN A 267 12.40 -13.89 32.31
C GLN A 267 12.61 -12.97 33.51
N GLN A 268 12.76 -11.69 33.25
CA GLN A 268 12.99 -10.70 34.34
C GLN A 268 11.67 -10.12 34.91
N GLU A 269 10.53 -10.52 34.35
CA GLU A 269 9.26 -10.10 34.95
C GLU A 269 9.08 -10.73 36.32
N SER A 270 8.54 -9.95 37.28
CA SER A 270 8.45 -10.43 38.65
C SER A 270 7.51 -11.62 38.79
N ASN A 271 6.45 -11.64 37.96
CA ASN A 271 5.42 -12.69 38.01
C ASN A 271 4.66 -12.89 36.67
N GLY A 272 5.40 -13.05 35.58
CA GLY A 272 4.77 -13.12 34.25
C GLY A 272 4.24 -11.75 33.81
N ILE A 273 3.38 -11.76 32.80
CA ILE A 273 2.80 -10.52 32.26
C ILE A 273 1.57 -10.09 33.10
N THR A 274 1.76 -9.09 33.96
CA THR A 274 0.71 -8.66 34.89
C THR A 274 0.40 -7.17 34.81
N GLY A 275 1.18 -6.43 34.03
CA GLY A 275 0.93 -4.97 33.94
C GLY A 275 1.94 -4.37 32.98
N ILE A 276 2.22 -3.09 33.16
CA ILE A 276 3.24 -2.41 32.33
C ILE A 276 4.57 -3.17 32.49
N LEU A 277 5.16 -3.57 31.37
CA LEU A 277 6.37 -4.39 31.44
C LEU A 277 7.60 -3.56 31.83
N LYS A 278 8.64 -4.25 32.24
CA LYS A 278 9.93 -3.62 32.60
C LYS A 278 10.74 -3.27 31.35
N TRP A 279 10.21 -2.29 30.60
CA TRP A 279 10.86 -1.90 29.36
C TRP A 279 12.27 -1.36 29.57
N VAL A 280 13.19 -1.83 28.74
CA VAL A 280 14.57 -1.30 28.66
C VAL A 280 14.63 -0.49 27.37
N LYS A 281 14.95 0.79 27.50
CA LYS A 281 14.79 1.73 26.40
C LYS A 281 16.08 1.78 25.58
N LEU A 282 16.34 0.71 24.84
CA LEU A 282 17.60 0.51 24.08
C LEU A 282 17.85 1.68 23.10
N ILE A 283 16.86 1.97 22.26
CA ILE A 283 16.96 3.10 21.32
C ILE A 283 15.74 3.97 21.62
N ASP A 284 15.98 5.11 22.26
CA ASP A 284 14.89 5.91 22.79
C ASP A 284 14.78 7.26 22.09
N ASN A 285 14.72 7.19 20.75
CA ASN A 285 14.55 8.37 19.91
C ASN A 285 14.02 7.86 18.56
N PHE A 286 13.68 8.80 17.67
CA PHE A 286 13.15 8.49 16.33
C PHE A 286 14.17 8.83 15.22
N GLU A 287 15.45 8.63 15.53
CA GLU A 287 16.50 8.98 14.58
C GLU A 287 16.77 7.94 13.52
N GLY A 288 16.36 6.68 13.72
CA GLY A 288 16.66 5.65 12.72
C GLY A 288 15.68 4.49 12.80
N GLU A 289 15.66 3.64 11.78
CA GLU A 289 14.89 2.42 11.80
C GLU A 289 15.71 1.24 12.31
N TYR A 290 15.08 0.40 13.13
CA TYR A 290 15.70 -0.85 13.64
C TYR A 290 14.68 -1.94 13.51
N ASP A 291 14.88 -2.78 12.47
CA ASP A 291 13.95 -3.85 12.12
C ASP A 291 14.59 -5.17 12.55
N TYR A 292 13.99 -5.84 13.53
CA TYR A 292 14.55 -7.08 14.06
C TYR A 292 14.66 -8.17 13.02
N VAL A 293 15.84 -8.79 12.95
CA VAL A 293 16.03 -9.93 12.04
C VAL A 293 16.14 -11.23 12.82
N THR A 294 17.08 -11.27 13.78
CA THR A 294 17.19 -12.44 14.66
C THR A 294 18.07 -12.07 15.83
N ASN A 295 18.23 -12.98 16.78
CA ASN A 295 19.23 -12.81 17.84
C ASN A 295 19.88 -14.15 18.11
N GLU A 296 21.09 -14.07 18.66
CA GLU A 296 21.75 -15.21 19.29
C GLU A 296 22.14 -14.78 20.69
N GLY A 297 21.43 -15.26 21.70
CA GLY A 297 21.58 -14.69 23.05
C GLY A 297 21.32 -13.20 23.06
N THR A 298 22.29 -12.44 23.59
CA THR A 298 22.11 -10.99 23.68
C THR A 298 22.54 -10.23 22.41
N VAL A 299 22.99 -10.94 21.38
CA VAL A 299 23.43 -10.26 20.15
C VAL A 299 22.27 -10.23 19.16
N PHE A 300 21.75 -9.01 18.91
CA PHE A 300 20.57 -8.78 18.08
C PHE A 300 20.96 -8.21 16.75
N THR A 301 20.52 -8.89 15.69
CA THR A 301 20.74 -8.42 14.32
C THR A 301 19.52 -7.61 13.87
N PHE A 302 19.79 -6.38 13.45
CA PHE A 302 18.77 -5.46 12.94
C PHE A 302 19.12 -4.98 11.55
N LYS A 303 18.10 -4.82 10.72
CA LYS A 303 18.20 -4.02 9.51
C LYS A 303 17.99 -2.56 9.92
N THR A 304 18.88 -1.68 9.49
CA THR A 304 18.81 -0.29 9.86
C THR A 304 19.10 0.65 8.71
N ASN A 305 18.61 1.89 8.84
CA ASN A 305 19.04 2.96 7.96
C ASN A 305 19.79 4.05 8.74
N ARG A 306 20.21 3.74 9.97
CA ARG A 306 20.98 4.71 10.78
C ARG A 306 22.29 5.03 10.07
N HIS A 307 22.37 6.27 9.60
CA HIS A 307 23.48 6.76 8.74
C HIS A 307 23.79 5.85 7.56
N SER A 308 22.73 5.26 7.04
CA SER A 308 22.86 4.26 5.97
C SER A 308 21.56 4.29 5.15
N PRO A 309 21.39 5.31 4.29
CA PRO A 309 20.11 5.45 3.59
C PRO A 309 19.76 4.33 2.61
N ASN A 310 20.73 3.51 2.20
CA ASN A 310 20.40 2.31 1.38
C ASN A 310 20.23 1.03 2.22
N TYR A 311 20.30 1.22 3.54
CA TYR A 311 20.11 0.18 4.56
C TYR A 311 21.29 -0.77 4.71
N ARG A 312 21.39 -1.35 5.90
CA ARG A 312 22.49 -2.26 6.24
C ARG A 312 22.07 -3.13 7.40
N LEU A 313 22.87 -4.17 7.70
CA LEU A 313 22.62 -5.01 8.87
C LEU A 313 23.67 -4.75 9.93
N ILE A 314 23.20 -4.49 11.15
CA ILE A 314 24.07 -4.29 12.30
C ILE A 314 23.74 -5.31 13.40
N ASN A 315 24.72 -5.60 14.25
CA ASN A 315 24.51 -6.36 15.48
C ASN A 315 24.67 -5.46 16.68
N ILE A 316 23.64 -5.42 17.51
CA ILE A 316 23.70 -4.66 18.76
C ILE A 316 23.67 -5.72 19.84
N ASP A 317 24.69 -5.69 20.71
CA ASP A 317 24.73 -6.62 21.87
C ASP A 317 24.05 -5.90 23.04
N PHE A 318 22.97 -6.48 23.58
CA PHE A 318 22.29 -5.80 24.68
C PHE A 318 23.17 -5.63 25.92
N THR A 319 24.23 -6.43 26.06
CA THR A 319 25.17 -6.27 27.18
C THR A 319 26.29 -5.25 26.93
N ASP A 320 26.32 -4.65 25.73
CA ASP A 320 27.33 -3.65 25.37
C ASP A 320 26.71 -2.77 24.27
N PRO A 321 25.64 -2.06 24.64
CA PRO A 321 24.74 -1.45 23.68
C PRO A 321 25.11 -0.09 23.10
N GLU A 322 26.21 0.51 23.57
CA GLU A 322 26.64 1.82 23.01
C GLU A 322 26.87 1.71 21.51
N GLU A 323 26.48 2.75 20.78
CA GLU A 323 26.53 2.73 19.32
C GLU A 323 27.95 2.50 18.75
N SER A 324 28.98 3.03 19.41
CA SER A 324 30.34 2.78 18.92
C SER A 324 30.74 1.31 18.98
N LYS A 325 29.97 0.50 19.73
CA LYS A 325 30.27 -0.93 19.84
C LYS A 325 29.54 -1.80 18.83
N TRP A 326 28.57 -1.23 18.12
CA TRP A 326 27.77 -2.07 17.23
C TRP A 326 28.65 -2.65 16.13
N LYS A 327 28.34 -3.86 15.72
CA LYS A 327 29.11 -4.48 14.65
C LYS A 327 28.32 -4.36 13.34
N VAL A 328 29.00 -3.96 12.27
CA VAL A 328 28.36 -3.91 10.94
C VAL A 328 28.51 -5.28 10.29
N LEU A 329 27.42 -6.03 10.30
CA LEU A 329 27.42 -7.40 9.77
C LEU A 329 27.40 -7.44 8.25
N VAL A 330 26.49 -6.64 7.67
CA VAL A 330 26.44 -6.52 6.22
C VAL A 330 26.42 -5.02 5.92
N PRO A 331 27.55 -4.46 5.46
CA PRO A 331 27.60 -3.02 5.19
C PRO A 331 26.64 -2.55 4.10
N GLU A 332 26.33 -1.26 4.17
CA GLU A 332 25.49 -0.62 3.17
C GLU A 332 26.14 -0.70 1.77
N HIS A 333 25.30 -0.93 0.74
CA HIS A 333 25.75 -0.79 -0.66
C HIS A 333 25.68 0.65 -1.12
N GLU A 334 26.55 1.02 -2.07
CA GLU A 334 26.59 2.38 -2.60
C GLU A 334 25.32 2.78 -3.31
N LYS A 335 24.66 1.81 -3.95
CA LYS A 335 23.44 2.16 -4.70
C LYS A 335 22.24 1.27 -4.42
N ASP A 336 22.49 -0.02 -4.19
CA ASP A 336 21.40 -0.97 -4.03
C ASP A 336 20.79 -0.95 -2.65
N VAL A 337 19.46 -0.95 -2.60
CA VAL A 337 18.73 -0.81 -1.35
C VAL A 337 18.49 -2.20 -0.81
N LEU A 338 18.88 -2.41 0.45
CA LEU A 338 18.51 -3.64 1.16
C LEU A 338 17.05 -3.51 1.60
N GLU A 339 16.15 -4.21 0.89
CA GLU A 339 14.71 -4.07 1.09
C GLU A 339 14.20 -4.80 2.33
N TRP A 340 14.64 -6.04 2.52
CA TRP A 340 14.22 -6.82 3.68
C TRP A 340 15.19 -7.97 3.86
N VAL A 341 15.17 -8.53 5.07
CA VAL A 341 16.08 -9.63 5.46
C VAL A 341 15.30 -10.59 6.35
N ALA A 342 15.55 -11.89 6.17
CA ALA A 342 14.95 -12.93 7.00
C ALA A 342 16.03 -13.85 7.49
N CYS A 343 15.84 -14.44 8.64
CA CYS A 343 16.75 -15.50 9.09
C CYS A 343 16.05 -16.84 8.98
N VAL A 344 16.78 -17.84 8.46
CA VAL A 344 16.21 -19.16 8.18
C VAL A 344 17.22 -20.22 8.45
N ARG A 345 16.75 -21.41 8.84
CA ARG A 345 17.65 -22.57 9.09
C ARG A 345 18.78 -22.23 10.05
N SER A 346 18.40 -21.56 11.13
CA SER A 346 19.27 -21.18 12.26
C SER A 346 20.28 -20.08 11.92
N ASN A 347 21.13 -20.34 10.93
CA ASN A 347 22.29 -19.49 10.69
C ASN A 347 22.44 -18.99 9.28
N PHE A 348 21.33 -18.98 8.54
CA PHE A 348 21.33 -18.30 7.22
C PHE A 348 20.52 -17.01 7.29
N LEU A 349 20.91 -16.06 6.46
CA LEU A 349 20.11 -14.84 6.19
C LEU A 349 19.74 -14.82 4.71
N VAL A 350 18.49 -14.47 4.43
CA VAL A 350 18.03 -14.20 3.07
C VAL A 350 17.90 -12.68 2.92
N LEU A 351 18.66 -12.12 1.99
CA LEU A 351 18.68 -10.65 1.76
C LEU A 351 18.05 -10.38 0.42
N CYS A 352 17.08 -9.43 0.39
CA CYS A 352 16.47 -9.05 -0.86
C CYS A 352 16.84 -7.60 -1.15
N TYR A 353 17.55 -7.38 -2.26
CA TYR A 353 17.99 -6.04 -2.70
C TYR A 353 17.14 -5.51 -3.83
N LEU A 354 17.09 -4.18 -3.95
CA LEU A 354 16.51 -3.52 -5.10
C LEU A 354 17.67 -2.90 -5.86
N HIS A 355 17.86 -3.37 -7.11
CA HIS A 355 18.90 -2.87 -8.01
C HIS A 355 18.23 -2.24 -9.23
N ASP A 356 18.30 -0.92 -9.33
CA ASP A 356 17.60 -0.16 -10.42
C ASP A 356 16.17 -0.68 -10.62
N VAL A 357 15.48 -0.79 -9.48
CA VAL A 357 14.06 -1.07 -9.43
C VAL A 357 13.73 -2.51 -9.82
N LYS A 358 14.68 -3.41 -9.63
CA LYS A 358 14.43 -4.82 -9.83
C LYS A 358 14.98 -5.56 -8.64
N ASN A 359 14.31 -6.65 -8.24
CA ASN A 359 14.80 -7.40 -7.08
C ASN A 359 15.89 -8.42 -7.39
N THR A 360 16.78 -8.58 -6.42
CA THR A 360 17.72 -9.71 -6.35
C THR A 360 17.56 -10.39 -5.02
N LEU A 361 18.01 -11.63 -4.94
CA LEU A 361 17.83 -12.40 -3.70
C LEU A 361 19.10 -13.19 -3.43
N GLN A 362 19.62 -13.08 -2.21
CA GLN A 362 20.92 -13.63 -1.82
C GLN A 362 20.81 -14.37 -0.50
N LEU A 363 21.59 -15.46 -0.37
CA LEU A 363 21.78 -16.15 0.91
C LEU A 363 23.12 -15.79 1.53
N HIS A 364 23.12 -15.38 2.81
CA HIS A 364 24.35 -14.99 3.53
C HIS A 364 24.49 -15.80 4.83
N ASP A 365 25.73 -15.91 5.31
CA ASP A 365 26.04 -16.52 6.60
C ASP A 365 25.68 -15.54 7.72
N LEU A 366 24.96 -16.02 8.74
CA LEU A 366 24.64 -15.15 9.89
C LEU A 366 25.86 -14.72 10.69
N ALA A 367 26.84 -15.60 10.89
CA ALA A 367 27.95 -15.23 11.76
C ALA A 367 28.88 -14.17 11.18
N THR A 368 29.08 -14.22 9.87
CA THR A 368 30.02 -13.28 9.23
C THR A 368 29.39 -12.29 8.28
N GLY A 369 28.17 -12.55 7.85
CA GLY A 369 27.56 -11.75 6.80
C GLY A 369 27.99 -12.06 5.36
N ALA A 370 28.88 -13.03 5.17
CA ALA A 370 29.40 -13.29 3.82
C ALA A 370 28.32 -13.83 2.90
N LEU A 371 28.39 -13.43 1.65
CA LEU A 371 27.52 -13.99 0.61
C LEU A 371 27.85 -15.47 0.39
N LEU A 372 26.81 -16.29 0.35
CA LEU A 372 26.94 -17.73 0.09
C LEU A 372 26.36 -18.17 -1.23
N LYS A 373 25.25 -17.57 -1.65
CA LYS A 373 24.53 -18.06 -2.85
C LYS A 373 23.66 -16.96 -3.39
N ILE A 374 23.65 -16.86 -4.69
CA ILE A 374 22.70 -15.96 -5.38
C ILE A 374 21.56 -16.82 -5.90
N PHE A 375 20.32 -16.42 -5.59
CA PHE A 375 19.14 -17.08 -6.17
C PHE A 375 18.76 -16.29 -7.42
N PRO A 376 18.92 -16.90 -8.62
CA PRO A 376 18.73 -16.11 -9.83
C PRO A 376 17.25 -15.80 -10.12
N LEU A 377 17.02 -14.60 -10.63
CA LEU A 377 15.68 -14.12 -10.94
C LEU A 377 15.68 -13.42 -12.29
N GLU A 378 14.55 -13.49 -12.99
CA GLU A 378 14.34 -12.62 -14.15
C GLU A 378 14.08 -11.20 -13.67
N VAL A 379 13.89 -10.27 -14.59
CA VAL A 379 13.63 -8.89 -14.21
C VAL A 379 12.22 -8.77 -13.64
N GLY A 380 12.13 -8.38 -12.37
CA GLY A 380 10.81 -8.24 -11.74
C GLY A 380 10.94 -8.08 -10.24
N SER A 381 9.97 -8.62 -9.50
CA SER A 381 9.81 -8.35 -8.08
C SER A 381 9.67 -9.62 -7.30
N VAL A 382 10.22 -9.62 -6.08
CA VAL A 382 9.85 -10.68 -5.13
C VAL A 382 8.69 -10.15 -4.29
N VAL A 383 7.55 -10.83 -4.34
CA VAL A 383 6.34 -10.31 -3.68
C VAL A 383 5.83 -11.23 -2.57
N GLY A 384 6.55 -12.31 -2.28
CA GLY A 384 6.19 -13.16 -1.15
C GLY A 384 7.40 -13.99 -0.79
N TYR A 385 7.45 -14.39 0.48
CA TYR A 385 8.56 -15.16 1.04
C TYR A 385 8.09 -15.91 2.25
N SER A 386 8.62 -17.11 2.46
CA SER A 386 8.52 -17.76 3.76
C SER A 386 9.82 -18.47 4.10
N GLY A 387 10.12 -18.48 5.39
CA GLY A 387 11.29 -19.19 5.89
C GLY A 387 11.75 -18.50 7.16
N GLN A 388 11.31 -19.04 8.29
CA GLN A 388 11.76 -18.52 9.57
C GLN A 388 12.88 -19.31 10.18
N LYS A 389 13.41 -18.82 11.29
CA LYS A 389 14.64 -19.37 11.84
C LYS A 389 14.63 -20.87 12.09
N LYS A 390 13.54 -21.39 12.64
CA LYS A 390 13.50 -22.81 12.96
C LYS A 390 13.17 -23.67 11.74
N ASP A 391 12.74 -23.04 10.64
CA ASP A 391 12.37 -23.78 9.41
C ASP A 391 13.65 -24.09 8.63
N THR A 392 13.59 -25.08 7.73
CA THR A 392 14.80 -25.48 6.99
C THR A 392 14.65 -25.37 5.47
N GLU A 393 13.70 -24.57 5.02
CA GLU A 393 13.47 -24.36 3.58
C GLU A 393 12.91 -22.96 3.39
N ILE A 394 13.03 -22.46 2.17
CA ILE A 394 12.40 -21.19 1.80
C ILE A 394 11.49 -21.40 0.61
N PHE A 395 10.44 -20.58 0.57
CA PHE A 395 9.63 -20.37 -0.63
C PHE A 395 9.71 -18.90 -0.95
N TYR A 396 9.72 -18.55 -2.22
CA TYR A 396 9.59 -17.12 -2.57
C TYR A 396 8.83 -16.97 -3.86
N GLN A 397 8.10 -15.87 -3.98
CA GLN A 397 7.24 -15.65 -5.13
C GLN A 397 7.74 -14.47 -5.96
N PHE A 398 7.93 -14.73 -7.26
CA PHE A 398 8.40 -13.73 -8.21
C PHE A 398 7.28 -13.35 -9.14
N THR A 399 7.23 -12.06 -9.50
CA THR A 399 6.27 -11.57 -10.50
C THR A 399 6.92 -10.51 -11.37
N SER A 400 6.30 -10.20 -12.50
CA SER A 400 6.85 -9.24 -13.45
C SER A 400 5.68 -8.66 -14.22
N PHE A 401 5.97 -7.75 -15.15
CA PHE A 401 4.89 -7.11 -15.90
C PHE A 401 4.16 -8.10 -16.80
N LEU A 402 4.85 -9.15 -17.25
CA LEU A 402 4.32 -9.94 -18.37
C LEU A 402 3.92 -11.35 -18.00
N SER A 403 4.31 -11.75 -16.79
CA SER A 403 3.96 -13.08 -16.28
C SER A 403 3.42 -13.07 -14.82
N PRO A 404 2.35 -13.86 -14.56
CA PRO A 404 1.76 -13.85 -13.22
C PRO A 404 2.78 -14.33 -12.20
N GLY A 405 3.75 -15.09 -12.67
CA GLY A 405 4.94 -15.42 -11.92
C GLY A 405 5.06 -16.84 -11.40
N ILE A 406 6.02 -16.99 -10.52
CA ILE A 406 6.52 -18.30 -10.18
C ILE A 406 6.73 -18.32 -8.67
N ILE A 407 6.37 -19.44 -8.03
CA ILE A 407 6.79 -19.70 -6.65
C ILE A 407 7.93 -20.70 -6.71
N TYR A 408 9.05 -20.33 -6.11
CA TYR A 408 10.23 -21.18 -6.00
C TYR A 408 10.35 -21.77 -4.61
N HIS A 409 11.01 -22.92 -4.50
CA HIS A 409 11.26 -23.59 -3.24
C HIS A 409 12.72 -23.96 -3.20
N CYS A 410 13.34 -23.86 -2.02
CA CYS A 410 14.70 -24.35 -1.83
C CYS A 410 14.83 -25.03 -0.46
N ASP A 411 15.24 -26.30 -0.50
CA ASP A 411 15.53 -27.07 0.71
C ASP A 411 16.93 -26.71 1.18
N LEU A 412 17.02 -26.02 2.31
CA LEU A 412 18.30 -25.48 2.73
C LEU A 412 19.11 -26.46 3.56
N THR A 413 18.60 -27.69 3.70
CA THR A 413 19.36 -28.77 4.40
C THR A 413 20.33 -29.44 3.45
N LYS A 414 20.24 -29.10 2.17
CA LYS A 414 21.08 -29.75 1.16
C LYS A 414 22.40 -29.05 1.03
N GLU A 415 23.44 -29.85 0.88
CA GLU A 415 24.79 -29.32 0.77
C GLU A 415 24.86 -28.38 -0.41
N GLU A 416 24.34 -28.83 -1.54
CA GLU A 416 24.32 -28.00 -2.74
C GLU A 416 22.92 -27.53 -3.00
N LEU A 417 22.73 -26.23 -2.86
CA LEU A 417 21.45 -25.59 -2.92
C LEU A 417 21.04 -25.36 -4.36
N GLU A 418 19.77 -25.59 -4.66
CA GLU A 418 19.25 -25.44 -6.01
C GLU A 418 17.80 -25.07 -5.85
N PRO A 419 17.45 -23.78 -6.05
CA PRO A 419 16.02 -23.45 -6.02
C PRO A 419 15.32 -24.12 -7.18
N ARG A 420 14.08 -24.50 -6.96
CA ARG A 420 13.31 -25.22 -7.96
C ARG A 420 11.97 -24.54 -8.10
N VAL A 421 11.42 -24.56 -9.31
CA VAL A 421 10.06 -24.08 -9.51
C VAL A 421 9.10 -24.98 -8.73
N PHE A 422 8.27 -24.36 -7.90
CA PHE A 422 7.31 -25.08 -7.08
C PHE A 422 5.89 -24.92 -7.65
N ARG A 423 5.54 -23.71 -8.08
CA ARG A 423 4.25 -23.45 -8.73
C ARG A 423 4.46 -22.40 -9.81
N GLU A 424 3.81 -22.60 -10.94
CA GLU A 424 3.90 -21.66 -12.04
C GLU A 424 2.55 -21.73 -12.75
N VAL A 425 1.94 -20.58 -12.97
CA VAL A 425 0.71 -20.53 -13.75
C VAL A 425 0.93 -19.59 -14.93
N THR A 426 0.30 -19.93 -16.04
CA THR A 426 0.38 -19.11 -17.24
C THR A 426 -1.02 -18.62 -17.57
N VAL A 427 -1.12 -17.38 -18.04
CA VAL A 427 -2.40 -16.81 -18.46
C VAL A 427 -2.52 -16.97 -19.97
N LYS A 428 -3.48 -17.76 -20.41
CA LYS A 428 -3.70 -17.94 -21.83
C LYS A 428 -4.64 -16.85 -22.30
N GLY A 429 -4.30 -16.23 -23.43
CA GLY A 429 -4.97 -15.03 -23.89
C GLY A 429 -4.00 -13.88 -23.95
N ILE A 430 -2.93 -13.97 -23.17
CA ILE A 430 -1.84 -13.02 -23.28
C ILE A 430 -0.54 -13.79 -23.51
N ASP A 431 0.02 -13.58 -24.70
CA ASP A 431 1.30 -14.16 -25.09
C ASP A 431 2.41 -13.17 -24.74
N ALA A 432 3.16 -13.47 -23.68
CA ALA A 432 4.18 -12.55 -23.18
C ALA A 432 5.23 -12.19 -24.25
N SER A 433 5.46 -13.11 -25.18
CA SER A 433 6.48 -12.87 -26.19
C SER A 433 6.07 -11.80 -27.20
N ASP A 434 4.81 -11.37 -27.19
CA ASP A 434 4.33 -10.31 -28.07
C ASP A 434 4.76 -8.91 -27.58
N TYR A 435 5.23 -8.83 -26.34
CA TYR A 435 5.46 -7.53 -25.66
C TYR A 435 6.89 -7.40 -25.17
N GLN A 436 7.31 -6.17 -24.92
CA GLN A 436 8.61 -5.95 -24.32
C GLN A 436 8.49 -4.95 -23.18
N THR A 437 9.42 -5.08 -22.23
CA THR A 437 9.56 -4.14 -21.12
C THR A 437 10.91 -3.52 -21.31
N VAL A 438 10.94 -2.20 -21.36
CA VAL A 438 12.22 -1.48 -21.34
C VAL A 438 12.29 -0.57 -20.13
N GLN A 439 13.50 -0.36 -19.66
CA GLN A 439 13.74 0.62 -18.63
C GLN A 439 14.62 1.70 -19.22
N ILE A 440 14.14 2.94 -19.05
CA ILE A 440 14.91 4.13 -19.45
C ILE A 440 15.11 5.02 -18.22
N PHE A 441 16.03 5.98 -18.34
CA PHE A 441 16.25 6.99 -17.29
C PHE A 441 16.14 8.35 -17.96
N TYR A 442 15.19 9.16 -17.50
CA TYR A 442 14.96 10.45 -18.14
C TYR A 442 15.33 11.59 -17.18
N PRO A 443 15.81 12.73 -17.70
CA PRO A 443 16.12 13.81 -16.75
C PRO A 443 14.90 14.61 -16.35
N SER A 444 14.81 14.89 -15.05
CA SER A 444 13.78 15.78 -14.54
C SER A 444 14.23 17.23 -14.72
N LYS A 445 13.39 18.16 -14.28
CA LYS A 445 13.66 19.62 -14.39
C LYS A 445 15.03 19.98 -13.85
N ASP A 446 15.39 19.40 -12.70
CA ASP A 446 16.64 19.73 -12.03
C ASP A 446 17.84 18.87 -12.49
N GLY A 447 17.62 18.06 -13.52
CA GLY A 447 18.63 17.18 -14.05
C GLY A 447 18.71 15.76 -13.48
N THR A 448 18.01 15.50 -12.38
CA THR A 448 18.06 14.17 -11.80
C THR A 448 17.49 13.15 -12.75
N LYS A 449 18.20 12.04 -12.89
CA LYS A 449 17.74 10.97 -13.77
C LYS A 449 16.75 10.09 -13.02
N ILE A 450 15.54 9.96 -13.57
CA ILE A 450 14.45 9.19 -12.97
C ILE A 450 14.23 7.91 -13.78
N PRO A 451 14.15 6.74 -13.12
CA PRO A 451 13.81 5.53 -13.91
C PRO A 451 12.36 5.47 -14.35
N MET A 452 12.13 4.85 -15.49
CA MET A 452 10.77 4.57 -15.94
C MET A 452 10.77 3.25 -16.67
N PHE A 453 9.84 2.38 -16.32
CA PHE A 453 9.54 1.19 -17.12
C PHE A 453 8.47 1.51 -18.15
N ILE A 454 8.64 0.98 -19.36
CA ILE A 454 7.65 1.14 -20.44
C ILE A 454 7.39 -0.27 -20.98
N VAL A 455 6.12 -0.64 -21.02
CA VAL A 455 5.68 -1.94 -21.56
C VAL A 455 4.84 -1.71 -22.79
N HIS A 456 5.18 -2.38 -23.90
CA HIS A 456 4.43 -2.15 -25.13
C HIS A 456 4.56 -3.33 -26.07
N LYS A 457 3.69 -3.35 -27.08
CA LYS A 457 3.79 -4.37 -28.15
C LYS A 457 5.10 -4.20 -28.93
N LYS A 458 5.80 -5.32 -29.19
CA LYS A 458 7.04 -5.26 -29.95
C LYS A 458 6.75 -4.73 -31.35
N GLY A 459 7.64 -3.89 -31.86
CA GLY A 459 7.54 -3.38 -33.22
C GLY A 459 6.65 -2.18 -33.47
N ILE A 460 6.11 -1.56 -32.43
CA ILE A 460 5.33 -0.34 -32.64
C ILE A 460 6.19 0.81 -33.18
N LYS A 461 5.57 1.66 -33.99
CA LYS A 461 6.24 2.85 -34.46
C LYS A 461 6.10 3.95 -33.44
N LEU A 462 7.20 4.62 -33.14
CA LEU A 462 7.14 5.76 -32.21
C LEU A 462 6.70 7.05 -32.89
N ASP A 463 5.45 7.06 -33.33
CA ASP A 463 4.91 8.16 -34.13
C ASP A 463 3.87 8.96 -33.38
N GLY A 464 3.82 8.76 -32.06
CA GLY A 464 2.93 9.49 -31.18
C GLY A 464 1.47 9.08 -31.21
N SER A 465 1.16 8.00 -31.93
CA SER A 465 -0.23 7.64 -32.22
C SER A 465 -0.91 6.74 -31.18
N HIS A 466 -0.15 6.28 -30.17
CA HIS A 466 -0.69 5.26 -29.25
C HIS A 466 -1.22 5.87 -27.95
N PRO A 467 -2.37 5.35 -27.46
CA PRO A 467 -2.80 5.74 -26.12
C PRO A 467 -1.78 5.22 -25.13
N ALA A 468 -1.56 5.98 -24.04
CA ALA A 468 -0.63 5.58 -23.00
C ALA A 468 -1.28 5.71 -21.64
N PHE A 469 -0.82 4.87 -20.72
CA PHE A 469 -1.31 4.83 -19.34
C PHE A 469 -0.07 4.92 -18.48
N LEU A 470 0.12 6.09 -17.89
CA LEU A 470 1.29 6.46 -17.09
C LEU A 470 0.94 6.49 -15.59
N TYR A 471 1.60 5.60 -14.84
CA TYR A 471 1.33 5.43 -13.42
C TYR A 471 2.46 5.94 -12.53
N GLY A 472 2.12 6.53 -11.40
CA GLY A 472 3.12 6.92 -10.38
C GLY A 472 2.51 6.97 -8.99
N TYR A 473 3.38 7.02 -7.98
CA TYR A 473 2.95 7.14 -6.58
C TYR A 473 3.79 8.31 -6.00
N GLY A 474 5.04 8.06 -5.65
CA GLY A 474 5.99 9.12 -5.26
C GLY A 474 5.86 9.56 -3.82
N GLY A 475 6.15 8.65 -2.90
CA GLY A 475 6.06 9.03 -1.48
C GLY A 475 6.23 7.81 -0.56
N PHE A 476 6.41 8.13 0.72
CA PHE A 476 6.30 7.15 1.81
C PHE A 476 7.27 6.00 1.70
N ASN A 477 8.39 6.26 1.05
CA ASN A 477 9.46 5.25 0.87
C ASN A 477 8.96 4.00 0.14
N ILE A 478 7.88 4.15 -0.64
CA ILE A 478 7.36 2.99 -1.39
C ILE A 478 8.06 2.87 -2.73
N SER A 479 8.62 1.71 -3.01
CA SER A 479 9.21 1.48 -4.33
C SER A 479 8.19 0.80 -5.24
N ILE A 480 8.00 1.37 -6.43
CA ILE A 480 7.01 0.86 -7.39
C ILE A 480 7.70 -0.06 -8.38
N THR A 481 7.63 -1.35 -8.07
CA THR A 481 8.45 -2.32 -8.78
C THR A 481 7.54 -3.15 -9.68
N PRO A 482 8.11 -3.91 -10.63
CA PRO A 482 7.26 -4.61 -11.61
C PRO A 482 6.24 -5.57 -10.97
N ASN A 483 5.03 -5.58 -11.50
CA ASN A 483 3.94 -6.36 -10.93
C ASN A 483 3.06 -6.81 -12.08
N TYR A 484 2.38 -7.94 -11.90
CA TYR A 484 1.53 -8.45 -12.98
C TYR A 484 0.12 -7.93 -12.85
N SER A 485 -0.33 -7.23 -13.90
CA SER A 485 -1.67 -6.66 -13.93
C SER A 485 -2.31 -7.06 -15.24
N VAL A 486 -3.30 -7.94 -15.16
CA VAL A 486 -4.11 -8.33 -16.31
C VAL A 486 -4.87 -7.10 -16.82
N SER A 487 -5.32 -6.26 -15.89
CA SER A 487 -6.10 -5.08 -16.25
C SER A 487 -5.30 -4.16 -17.18
N ARG A 488 -4.03 -3.95 -16.84
CA ARG A 488 -3.19 -3.09 -17.69
C ARG A 488 -2.83 -3.78 -18.99
N LEU A 489 -2.63 -5.10 -18.95
CA LEU A 489 -2.33 -5.83 -20.20
C LEU A 489 -3.49 -5.86 -21.20
N ILE A 490 -4.71 -5.79 -20.70
CA ILE A 490 -5.86 -5.67 -21.58
C ILE A 490 -5.83 -4.30 -22.29
N PHE A 491 -5.43 -3.24 -21.58
CA PHE A 491 -5.26 -1.93 -22.21
C PHE A 491 -4.22 -1.98 -23.34
N VAL A 492 -3.12 -2.70 -23.12
CA VAL A 492 -2.08 -2.88 -24.14
C VAL A 492 -2.64 -3.67 -25.32
N ARG A 493 -3.17 -4.87 -25.05
CA ARG A 493 -3.55 -5.78 -26.13
C ARG A 493 -4.82 -5.36 -26.85
N HIS A 494 -5.83 -4.96 -26.07
CA HIS A 494 -7.17 -4.74 -26.63
C HIS A 494 -7.51 -3.26 -26.79
N MET A 495 -6.68 -2.36 -26.27
CA MET A 495 -6.86 -0.93 -26.57
C MET A 495 -5.64 -0.33 -27.27
N GLY A 496 -4.65 -1.16 -27.61
CA GLY A 496 -3.50 -0.67 -28.38
C GLY A 496 -2.56 0.23 -27.58
N GLY A 497 -2.61 0.09 -26.26
CA GLY A 497 -1.91 1.03 -25.41
C GLY A 497 -0.46 0.72 -25.06
N VAL A 498 0.16 1.76 -24.51
CA VAL A 498 1.52 1.69 -23.96
C VAL A 498 1.39 1.92 -22.46
N LEU A 499 2.02 1.06 -21.66
CA LEU A 499 2.03 1.19 -20.21
C LEU A 499 3.35 1.83 -19.79
N ALA A 500 3.29 2.75 -18.81
CA ALA A 500 4.51 3.35 -18.26
C ALA A 500 4.37 3.53 -16.77
N VAL A 501 5.46 3.26 -16.05
CA VAL A 501 5.50 3.45 -14.60
C VAL A 501 6.74 4.29 -14.30
N ALA A 502 6.56 5.48 -13.72
CA ALA A 502 7.71 6.36 -13.45
C ALA A 502 8.11 6.28 -11.99
N ASN A 503 9.38 5.97 -11.73
CA ASN A 503 9.87 5.82 -10.35
C ASN A 503 10.35 7.12 -9.74
N ILE A 504 9.40 8.04 -9.64
CA ILE A 504 9.65 9.41 -9.20
C ILE A 504 10.12 9.51 -7.75
N ARG A 505 10.71 10.63 -7.41
CA ARG A 505 11.21 10.84 -6.04
C ARG A 505 10.07 10.84 -5.01
N GLY A 506 10.45 10.66 -3.73
CA GLY A 506 9.46 10.36 -2.67
C GLY A 506 9.37 8.87 -2.41
N GLY A 507 9.57 8.07 -3.49
CA GLY A 507 9.63 6.61 -3.33
C GLY A 507 10.90 6.11 -2.64
N GLY A 508 10.99 4.79 -2.51
CA GLY A 508 12.14 4.17 -1.85
C GLY A 508 13.17 3.61 -2.81
N GLU A 509 13.01 3.88 -4.12
CA GLU A 509 13.80 3.13 -5.13
C GLU A 509 15.30 3.31 -4.99
N TYR A 510 15.73 4.51 -4.58
CA TYR A 510 17.13 4.74 -4.28
C TYR A 510 17.32 5.14 -2.83
N GLY A 511 16.59 4.45 -1.96
CA GLY A 511 16.80 4.58 -0.52
C GLY A 511 16.24 5.86 0.09
N GLU A 512 16.71 6.16 1.28
CA GLU A 512 16.12 7.24 2.05
C GLU A 512 16.40 8.60 1.38
N THR A 513 17.50 8.74 0.62
CA THR A 513 17.73 9.98 -0.09
C THR A 513 16.68 10.18 -1.21
N TRP A 514 16.23 9.09 -1.83
CA TRP A 514 15.21 9.20 -2.89
C TRP A 514 13.90 9.64 -2.20
N HIS A 515 13.64 9.05 -1.03
CA HIS A 515 12.44 9.40 -0.27
C HIS A 515 12.48 10.89 0.12
N LYS A 516 13.60 11.36 0.70
CA LYS A 516 13.69 12.75 1.14
C LYS A 516 13.61 13.73 -0.02
N GLY A 517 13.97 13.26 -1.21
CA GLY A 517 13.86 14.10 -2.38
C GLY A 517 12.44 14.36 -2.86
N GLY A 518 11.44 13.74 -2.23
CA GLY A 518 10.02 13.95 -2.61
C GLY A 518 9.09 14.17 -1.43
N ILE A 519 9.61 14.83 -0.41
CA ILE A 519 8.81 15.11 0.76
C ILE A 519 9.02 16.56 1.22
N LEU A 520 8.11 17.02 2.08
CA LEU A 520 8.23 18.30 2.80
C LEU A 520 8.43 19.46 1.82
N ALA A 521 9.50 20.25 1.96
CA ALA A 521 9.71 21.38 1.03
C ALA A 521 9.92 20.90 -0.41
N ASN A 522 10.35 19.66 -0.59
CA ASN A 522 10.67 19.14 -1.91
C ASN A 522 9.56 18.28 -2.51
N LYS A 523 8.35 18.37 -1.98
CA LYS A 523 7.25 17.57 -2.55
C LYS A 523 7.03 17.91 -4.03
N GLN A 524 7.27 19.18 -4.44
CA GLN A 524 7.08 19.57 -5.84
C GLN A 524 7.98 18.75 -6.77
N ASN A 525 9.09 18.22 -6.27
CA ASN A 525 9.93 17.35 -7.12
C ASN A 525 9.12 16.17 -7.64
N CYS A 526 8.20 15.64 -6.84
CA CYS A 526 7.38 14.51 -7.30
C CYS A 526 6.58 14.89 -8.54
N PHE A 527 5.92 16.04 -8.47
CA PHE A 527 5.07 16.51 -9.56
C PHE A 527 5.91 16.84 -10.80
N ASP A 528 7.05 17.48 -10.59
CA ASP A 528 7.98 17.79 -11.65
C ASP A 528 8.47 16.51 -12.31
N ASP A 529 8.92 15.52 -11.51
CA ASP A 529 9.37 14.23 -12.06
C ASP A 529 8.29 13.59 -12.92
N PHE A 530 7.04 13.59 -12.41
CA PHE A 530 5.97 12.92 -13.13
C PHE A 530 5.59 13.64 -14.43
N GLN A 531 5.53 14.97 -14.36
CA GLN A 531 5.28 15.77 -15.59
C GLN A 531 6.39 15.55 -16.62
N CYS A 532 7.62 15.42 -16.13
CA CYS A 532 8.73 15.14 -17.04
C CYS A 532 8.65 13.75 -17.66
N ALA A 533 8.08 12.79 -16.93
CA ALA A 533 7.85 11.46 -17.51
C ALA A 533 6.87 11.56 -18.66
N ALA A 534 5.78 12.29 -18.47
CA ALA A 534 4.80 12.48 -19.54
C ALA A 534 5.47 13.16 -20.77
N GLU A 535 6.25 14.21 -20.52
CA GLU A 535 7.01 14.89 -21.60
C GLU A 535 7.96 13.95 -22.35
N TYR A 536 8.59 13.04 -21.62
CA TYR A 536 9.44 12.02 -22.24
C TYR A 536 8.62 11.14 -23.17
N LEU A 537 7.51 10.61 -22.69
CA LEU A 537 6.72 9.73 -23.55
C LEU A 537 6.25 10.42 -24.81
N ILE A 538 5.90 11.71 -24.70
CA ILE A 538 5.44 12.48 -25.84
C ILE A 538 6.61 12.78 -26.81
N LYS A 539 7.72 13.27 -26.27
CA LYS A 539 8.86 13.68 -27.13
C LYS A 539 9.41 12.47 -27.87
N GLU A 540 9.46 11.33 -27.19
CA GLU A 540 10.01 10.12 -27.78
C GLU A 540 9.04 9.37 -28.67
N GLY A 541 7.80 9.83 -28.75
CA GLY A 541 6.88 9.31 -29.76
C GLY A 541 6.06 8.12 -29.31
N TYR A 542 6.08 7.83 -28.01
CA TYR A 542 5.16 6.78 -27.52
C TYR A 542 3.69 7.20 -27.59
N THR A 543 3.43 8.49 -27.39
CA THR A 543 2.06 8.95 -27.21
C THR A 543 2.00 10.44 -27.52
N SER A 544 0.82 11.04 -27.30
CA SER A 544 0.61 12.47 -27.49
C SER A 544 -0.29 12.92 -26.36
N PRO A 545 -0.27 14.22 -25.97
CA PRO A 545 -1.11 14.61 -24.83
C PRO A 545 -2.56 14.17 -24.91
N LYS A 546 -3.18 14.30 -26.09
CA LYS A 546 -4.61 13.93 -26.21
C LYS A 546 -4.87 12.44 -26.02
N ARG A 547 -3.83 11.63 -26.05
CA ARG A 547 -3.97 10.18 -25.94
C ARG A 547 -3.41 9.67 -24.61
N LEU A 548 -2.95 10.58 -23.76
CA LEU A 548 -2.25 10.17 -22.52
C LEU A 548 -3.18 10.21 -21.30
N THR A 549 -3.25 9.08 -20.59
CA THR A 549 -3.97 8.99 -19.31
C THR A 549 -2.91 8.85 -18.20
N ILE A 550 -3.07 9.62 -17.13
CA ILE A 550 -2.30 9.36 -15.91
C ILE A 550 -3.19 8.79 -14.81
N ASN A 551 -2.59 7.93 -13.99
CA ASN A 551 -3.30 7.27 -12.88
C ASN A 551 -2.39 7.19 -11.68
N GLY A 552 -3.00 7.31 -10.51
CA GLY A 552 -2.34 7.11 -9.23
C GLY A 552 -3.39 6.88 -8.16
N GLY A 553 -3.00 6.24 -7.06
CA GLY A 553 -3.95 5.99 -5.95
C GLY A 553 -3.32 6.46 -4.66
N SER A 554 -4.17 6.98 -3.76
CA SER A 554 -3.76 7.38 -2.41
C SER A 554 -2.82 8.59 -2.50
N ASN A 555 -1.56 8.46 -2.06
CA ASN A 555 -0.59 9.50 -2.33
C ASN A 555 -0.40 9.69 -3.86
N GLY A 556 -0.62 8.63 -4.64
CA GLY A 556 -0.62 8.74 -6.10
C GLY A 556 -1.83 9.47 -6.68
N GLY A 557 -2.92 9.46 -5.90
CA GLY A 557 -4.08 10.27 -6.31
C GLY A 557 -3.84 11.75 -6.13
N LEU A 558 -3.17 12.12 -5.04
CA LEU A 558 -2.62 13.46 -4.90
C LEU A 558 -1.72 13.83 -6.08
N LEU A 559 -0.86 12.88 -6.46
CA LEU A 559 0.08 13.12 -7.57
C LEU A 559 -0.64 13.54 -8.86
N VAL A 560 -1.59 12.73 -9.28
CA VAL A 560 -2.26 12.99 -10.56
C VAL A 560 -3.21 14.19 -10.51
N ALA A 561 -3.82 14.45 -9.34
CA ALA A 561 -4.72 15.60 -9.18
C ALA A 561 -3.93 16.89 -9.27
N THR A 562 -2.76 16.94 -8.62
CA THR A 562 -1.93 18.14 -8.69
C THR A 562 -1.42 18.31 -10.11
N CYS A 563 -1.05 17.20 -10.76
CA CYS A 563 -0.55 17.32 -12.16
C CYS A 563 -1.64 17.87 -13.11
N ALA A 564 -2.91 17.50 -12.85
CA ALA A 564 -4.02 18.03 -13.66
C ALA A 564 -4.09 19.55 -13.54
N ASN A 565 -3.95 20.05 -12.30
CA ASN A 565 -3.99 21.51 -12.03
C ASN A 565 -2.80 22.22 -12.65
N GLN A 566 -1.62 21.61 -12.56
CA GLN A 566 -0.38 22.30 -12.95
C GLN A 566 -0.12 22.24 -14.43
N ARG A 567 -0.46 21.13 -15.06
CA ARG A 567 -0.18 20.96 -16.49
C ARG A 567 -1.39 20.33 -17.17
N PRO A 568 -2.54 21.03 -17.21
CA PRO A 568 -3.71 20.43 -17.86
C PRO A 568 -3.52 20.14 -19.35
N ASP A 569 -2.60 20.86 -19.96
CA ASP A 569 -2.27 20.72 -21.38
C ASP A 569 -1.55 19.42 -21.71
N LEU A 570 -1.03 18.74 -20.68
CA LEU A 570 -0.21 17.57 -20.89
C LEU A 570 -0.97 16.23 -20.98
N PHE A 571 -2.21 16.23 -20.49
CA PHE A 571 -2.94 14.97 -20.23
C PHE A 571 -4.30 14.99 -20.88
N GLY A 572 -4.69 13.86 -21.46
CA GLY A 572 -6.06 13.72 -21.97
C GLY A 572 -7.03 13.27 -20.90
N CYS A 573 -6.55 12.43 -19.98
CA CYS A 573 -7.41 11.78 -19.02
C CYS A 573 -6.64 11.58 -17.73
N VAL A 574 -7.33 11.75 -16.59
CA VAL A 574 -6.71 11.61 -15.27
C VAL A 574 -7.66 10.74 -14.44
N ILE A 575 -7.16 9.66 -13.85
CA ILE A 575 -7.97 8.84 -12.93
C ILE A 575 -7.28 8.86 -11.57
N ALA A 576 -7.88 9.52 -10.59
CA ALA A 576 -7.27 9.61 -9.25
C ALA A 576 -8.09 8.74 -8.33
N GLN A 577 -7.44 7.70 -7.81
CA GLN A 577 -8.09 6.78 -6.90
C GLN A 577 -7.78 7.18 -5.44
N VAL A 578 -8.82 7.24 -4.62
CA VAL A 578 -8.66 7.44 -3.16
C VAL A 578 -7.58 8.45 -2.77
N GLY A 579 -7.65 9.61 -3.40
CA GLY A 579 -6.53 10.59 -3.30
C GLY A 579 -6.63 11.56 -2.14
N VAL A 580 -5.50 12.00 -1.64
CA VAL A 580 -5.44 13.08 -0.64
C VAL A 580 -5.51 14.41 -1.36
N MET A 581 -6.63 15.11 -1.21
CA MET A 581 -6.89 16.34 -1.99
C MET A 581 -6.87 17.60 -1.18
N ASP A 582 -7.29 17.53 0.08
CA ASP A 582 -7.23 18.71 0.96
C ASP A 582 -5.96 18.64 1.80
N MET A 583 -4.90 19.28 1.30
CA MET A 583 -3.62 19.21 1.99
C MET A 583 -3.58 20.09 3.22
N LEU A 584 -4.55 20.98 3.37
CA LEU A 584 -4.61 21.80 4.60
C LEU A 584 -5.29 21.11 5.77
N LYS A 585 -6.14 20.12 5.50
CA LYS A 585 -6.94 19.50 6.56
C LYS A 585 -6.70 18.01 6.74
N PHE A 586 -5.83 17.41 5.92
CA PHE A 586 -5.71 15.92 5.96
C PHE A 586 -5.34 15.38 7.33
N HIS A 587 -4.62 16.16 8.13
CA HIS A 587 -4.17 15.66 9.42
C HIS A 587 -5.27 15.56 10.46
N LYS A 588 -6.43 16.14 10.18
CA LYS A 588 -7.54 16.20 11.17
C LYS A 588 -8.30 14.87 11.33
N TYR A 589 -8.18 13.97 10.33
CA TYR A 589 -9.10 12.83 10.22
C TYR A 589 -8.36 11.52 10.38
N THR A 590 -9.04 10.58 10.98
CA THR A 590 -8.56 9.18 11.19
C THR A 590 -7.07 9.12 11.45
N ILE A 591 -6.28 8.51 10.56
CA ILE A 591 -4.83 8.34 10.78
C ILE A 591 -4.01 9.36 9.98
N GLY A 592 -4.68 10.36 9.40
CA GLY A 592 -3.97 11.39 8.61
C GLY A 592 -2.87 12.11 9.35
N HIS A 593 -2.95 12.18 10.67
CA HIS A 593 -1.85 12.79 11.43
C HIS A 593 -0.52 12.11 11.12
N ALA A 594 -0.54 10.84 10.74
CA ALA A 594 0.71 10.11 10.52
C ALA A 594 1.43 10.55 9.24
N TRP A 595 0.75 11.26 8.33
CA TRP A 595 1.36 11.61 7.04
C TRP A 595 2.15 12.88 7.06
N THR A 596 2.16 13.57 8.21
CA THR A 596 2.88 14.84 8.32
C THR A 596 4.39 14.67 8.12
N THR A 597 4.90 13.45 8.25
CA THR A 597 6.31 13.18 8.00
C THR A 597 6.69 13.25 6.52
N ASP A 598 5.73 13.02 5.63
CA ASP A 598 5.95 13.24 4.19
C ASP A 598 5.48 14.61 3.74
N TYR A 599 4.40 15.12 4.31
CA TYR A 599 3.81 16.36 3.74
C TYR A 599 4.09 17.64 4.51
N GLY A 600 4.38 17.54 5.81
CA GLY A 600 4.30 18.68 6.71
C GLY A 600 2.88 18.85 7.23
N CYS A 601 2.63 19.92 7.98
CA CYS A 601 1.27 20.16 8.52
C CYS A 601 0.97 21.65 8.49
N SER A 602 -0.26 22.00 8.09
CA SER A 602 -0.65 23.41 7.90
C SER A 602 -0.64 24.27 9.15
N ASP A 603 -0.48 23.64 10.32
CA ASP A 603 -0.33 24.36 11.61
C ASP A 603 0.96 25.15 11.67
N SER A 604 1.96 24.74 10.90
CA SER A 604 3.20 25.49 10.74
C SER A 604 3.13 26.47 9.58
N LYS A 605 3.52 27.74 9.81
CA LYS A 605 3.56 28.70 8.71
C LYS A 605 4.45 28.25 7.54
N GLN A 606 5.65 27.73 7.87
CA GLN A 606 6.56 27.25 6.81
C GLN A 606 5.92 26.13 5.97
N HIS A 607 5.33 25.17 6.65
CA HIS A 607 4.69 24.03 5.93
C HIS A 607 3.49 24.49 5.15
N PHE A 608 2.68 25.37 5.74
CA PHE A 608 1.54 25.90 5.01
C PHE A 608 1.97 26.49 3.65
N GLU A 609 3.11 27.20 3.64
CA GLU A 609 3.55 27.81 2.40
C GLU A 609 3.94 26.81 1.33
N TRP A 610 4.43 25.62 1.73
CA TRP A 610 4.65 24.53 0.78
C TRP A 610 3.32 23.98 0.29
N LEU A 611 2.47 23.63 1.26
CA LEU A 611 1.24 22.91 0.95
C LEU A 611 0.28 23.68 0.08
N ILE A 612 0.16 24.98 0.30
CA ILE A 612 -0.84 25.77 -0.41
C ILE A 612 -0.56 25.84 -1.92
N LYS A 613 0.72 25.66 -2.27
CA LYS A 613 1.14 25.78 -3.64
C LYS A 613 0.69 24.59 -4.51
N TYR A 614 0.50 23.42 -3.88
CA TYR A 614 0.17 22.23 -4.65
C TYR A 614 -1.10 21.51 -4.22
N SER A 615 -1.66 21.88 -3.08
CA SER A 615 -2.89 21.22 -2.60
C SER A 615 -3.95 21.15 -3.69
N PRO A 616 -4.42 19.97 -4.07
CA PRO A 616 -5.32 19.93 -5.22
C PRO A 616 -6.58 20.77 -5.02
N LEU A 617 -7.15 20.69 -3.82
CA LEU A 617 -8.37 21.45 -3.49
C LEU A 617 -8.23 22.95 -3.64
N HIS A 618 -7.00 23.43 -3.50
CA HIS A 618 -6.71 24.87 -3.44
C HIS A 618 -6.07 25.43 -4.69
N ASN A 619 -5.98 24.62 -5.75
CA ASN A 619 -5.29 25.05 -6.98
C ASN A 619 -6.09 24.75 -8.26
N VAL A 620 -7.41 24.60 -8.11
CA VAL A 620 -8.28 24.46 -9.26
C VAL A 620 -8.42 25.86 -9.88
N LYS A 621 -7.98 25.97 -11.13
CA LYS A 621 -7.98 27.29 -11.81
C LYS A 621 -8.23 27.07 -13.28
N LEU A 622 -9.15 27.84 -13.86
CA LEU A 622 -9.32 27.78 -15.30
C LEU A 622 -8.02 28.06 -16.03
N PRO A 623 -7.66 27.22 -17.01
CA PRO A 623 -6.44 27.54 -17.77
C PRO A 623 -6.63 28.89 -18.47
N GLU A 624 -5.57 29.67 -18.47
CA GLU A 624 -5.59 31.01 -19.04
C GLU A 624 -5.82 31.00 -20.55
N ALA A 625 -5.15 30.08 -21.25
CA ALA A 625 -5.25 30.00 -22.71
C ALA A 625 -6.62 29.50 -23.21
N ASP A 626 -7.15 30.15 -24.25
CA ASP A 626 -8.47 29.78 -24.77
C ASP A 626 -8.57 28.35 -25.29
N ASP A 627 -7.45 27.84 -25.80
CA ASP A 627 -7.41 26.50 -26.38
C ASP A 627 -7.13 25.37 -25.37
N ILE A 628 -7.01 25.72 -24.10
CA ILE A 628 -6.67 24.73 -23.05
C ILE A 628 -7.82 24.60 -22.07
N GLN A 629 -8.26 23.37 -21.89
CA GLN A 629 -9.24 23.02 -20.88
C GLN A 629 -8.62 21.99 -19.94
N TYR A 630 -9.36 21.61 -18.91
CA TYR A 630 -8.90 20.49 -18.04
C TYR A 630 -9.06 19.14 -18.76
N PRO A 631 -8.20 18.18 -18.41
CA PRO A 631 -8.33 16.82 -18.90
C PRO A 631 -9.65 16.24 -18.42
N SER A 632 -10.14 15.21 -19.09
CA SER A 632 -11.22 14.39 -18.51
C SER A 632 -10.71 13.84 -17.18
N MET A 633 -11.51 13.92 -16.12
CA MET A 633 -11.10 13.48 -14.78
C MET A 633 -12.13 12.57 -14.15
N LEU A 634 -11.66 11.46 -13.63
CA LEU A 634 -12.50 10.56 -12.81
C LEU A 634 -11.86 10.37 -11.48
N LEU A 635 -12.60 10.69 -10.41
CA LEU A 635 -12.16 10.38 -9.03
C LEU A 635 -12.93 9.16 -8.52
N LEU A 636 -12.18 8.21 -7.96
CA LEU A 636 -12.78 7.00 -7.40
C LEU A 636 -12.55 7.00 -5.91
N THR A 637 -13.62 6.83 -5.14
CA THR A 637 -13.46 6.65 -3.71
C THR A 637 -14.58 5.71 -3.24
N ALA A 638 -14.66 5.49 -1.93
CA ALA A 638 -15.68 4.59 -1.36
C ALA A 638 -16.05 5.04 0.03
N ASP A 639 -17.27 4.65 0.46
CA ASP A 639 -17.82 5.27 1.67
C ASP A 639 -17.26 4.72 2.99
N HIS A 640 -16.50 3.63 2.92
CA HIS A 640 -15.75 3.13 4.08
C HIS A 640 -14.24 3.29 3.93
N ASP A 641 -13.79 4.24 3.09
CA ASP A 641 -12.38 4.56 3.05
C ASP A 641 -12.00 5.43 4.24
N ASP A 642 -11.65 4.74 5.32
CA ASP A 642 -11.21 5.42 6.52
C ASP A 642 -9.75 5.67 6.56
N ARG A 643 -9.02 5.22 5.53
CA ARG A 643 -7.62 5.58 5.42
C ARG A 643 -7.50 6.99 4.89
N VAL A 644 -8.07 7.25 3.70
CA VAL A 644 -8.17 8.60 3.14
C VAL A 644 -9.67 8.94 3.12
N VAL A 645 -10.15 9.69 4.11
CA VAL A 645 -11.59 9.90 4.24
C VAL A 645 -12.16 10.50 2.94
N PRO A 646 -13.35 10.05 2.52
CA PRO A 646 -13.78 10.37 1.14
C PRO A 646 -14.13 11.86 0.92
N LEU A 647 -14.28 12.62 2.01
CA LEU A 647 -14.46 14.07 1.89
C LEU A 647 -13.38 14.70 1.03
N HIS A 648 -12.19 14.10 0.97
CA HIS A 648 -11.15 14.65 0.09
C HIS A 648 -11.63 14.74 -1.37
N SER A 649 -12.14 13.61 -1.88
CA SER A 649 -12.62 13.57 -3.24
C SER A 649 -13.93 14.32 -3.38
N LEU A 650 -14.83 14.29 -2.35
CA LEU A 650 -16.08 15.03 -2.46
C LEU A 650 -15.83 16.53 -2.64
N LYS A 651 -14.99 17.10 -1.80
CA LYS A 651 -14.74 18.55 -1.89
C LYS A 651 -14.02 18.89 -3.16
N PHE A 652 -13.09 18.04 -3.57
CA PHE A 652 -12.37 18.29 -4.79
C PHE A 652 -13.27 18.26 -6.03
N ILE A 653 -14.17 17.28 -6.14
CA ILE A 653 -15.05 17.23 -7.33
C ILE A 653 -16.02 18.40 -7.33
N ALA A 654 -16.50 18.81 -6.16
CA ALA A 654 -17.42 19.96 -6.11
C ALA A 654 -16.70 21.21 -6.66
N THR A 655 -15.44 21.36 -6.27
CA THR A 655 -14.65 22.50 -6.69
C THR A 655 -14.35 22.42 -8.20
N LEU A 656 -13.95 21.25 -8.68
CA LEU A 656 -13.71 21.09 -10.10
C LEU A 656 -14.94 21.42 -10.93
N GLN A 657 -16.10 20.90 -10.53
CA GLN A 657 -17.31 21.14 -11.31
C GLN A 657 -17.73 22.61 -11.29
N TYR A 658 -17.50 23.31 -10.18
CA TYR A 658 -17.96 24.69 -10.11
C TYR A 658 -17.00 25.63 -10.85
N ILE A 659 -15.70 25.52 -10.55
CA ILE A 659 -14.73 26.42 -11.14
C ILE A 659 -14.48 26.12 -12.63
N VAL A 660 -14.33 24.84 -12.98
CA VAL A 660 -13.95 24.44 -14.33
C VAL A 660 -15.13 23.89 -15.12
N GLY A 661 -15.95 23.05 -14.48
CA GLY A 661 -17.08 22.45 -15.17
C GLY A 661 -18.09 23.45 -15.70
N ARG A 662 -18.25 24.58 -15.01
CA ARG A 662 -19.22 25.62 -15.45
C ARG A 662 -18.71 26.41 -16.65
N SER A 663 -17.42 26.32 -16.96
CA SER A 663 -16.88 27.14 -18.04
C SER A 663 -17.32 26.62 -19.41
N ARG A 664 -17.59 27.54 -20.32
CA ARG A 664 -18.06 27.16 -21.66
C ARG A 664 -17.07 26.29 -22.41
N LYS A 665 -15.78 26.57 -22.22
CA LYS A 665 -14.75 25.85 -22.98
C LYS A 665 -14.50 24.45 -22.43
N GLN A 666 -15.04 24.11 -21.27
CA GLN A 666 -14.81 22.78 -20.70
C GLN A 666 -15.85 21.81 -21.24
N ASN A 667 -15.38 20.89 -22.08
CA ASN A 667 -16.21 19.82 -22.55
C ASN A 667 -15.79 18.43 -22.11
N ASN A 668 -14.62 18.33 -21.51
CA ASN A 668 -14.19 17.04 -20.94
C ASN A 668 -14.90 16.86 -19.59
N PRO A 669 -15.40 15.68 -19.30
CA PRO A 669 -16.17 15.47 -18.02
C PRO A 669 -15.28 15.42 -16.78
N LEU A 670 -15.86 15.82 -15.66
CA LEU A 670 -15.18 15.86 -14.38
C LEU A 670 -16.11 15.13 -13.42
N LEU A 671 -15.81 13.85 -13.15
CA LEU A 671 -16.77 12.94 -12.49
C LEU A 671 -16.17 12.27 -11.26
N ILE A 672 -17.05 11.89 -10.32
CA ILE A 672 -16.68 11.03 -9.20
C ILE A 672 -17.57 9.80 -9.14
N HIS A 673 -17.00 8.69 -8.68
CA HIS A 673 -17.81 7.53 -8.32
C HIS A 673 -17.48 7.16 -6.89
N VAL A 674 -18.50 7.08 -6.04
CA VAL A 674 -18.34 6.65 -4.65
C VAL A 674 -18.98 5.28 -4.48
N ASP A 675 -18.12 4.28 -4.32
CA ASP A 675 -18.61 2.91 -4.10
C ASP A 675 -19.13 2.70 -2.67
N THR A 676 -19.95 1.65 -2.49
CA THR A 676 -20.45 1.27 -1.17
C THR A 676 -19.74 0.00 -0.73
N LYS A 677 -19.72 -0.24 0.58
CA LYS A 677 -19.13 -1.47 1.19
C LYS A 677 -17.70 -1.73 0.72
N ALA A 678 -16.99 -0.63 0.59
CA ALA A 678 -15.58 -0.65 0.21
C ALA A 678 -14.86 0.49 0.88
N GLY A 679 -13.53 0.37 0.90
CA GLY A 679 -12.67 1.35 1.56
C GLY A 679 -11.45 1.66 0.71
N HIS A 680 -10.30 1.78 1.37
CA HIS A 680 -9.13 2.31 0.67
C HIS A 680 -8.63 1.38 -0.42
N GLY A 681 -8.83 0.07 -0.23
CA GLY A 681 -8.55 -0.91 -1.29
C GLY A 681 -8.12 -2.27 -0.80
N ALA A 682 -7.45 -2.33 0.36
CA ALA A 682 -6.98 -3.63 0.86
C ALA A 682 -8.20 -4.51 1.16
N GLY A 683 -8.15 -5.76 0.72
CA GLY A 683 -9.28 -6.63 1.00
C GLY A 683 -10.46 -6.50 0.04
N LYS A 684 -10.39 -5.61 -0.94
CA LYS A 684 -11.49 -5.45 -1.91
C LYS A 684 -11.77 -6.78 -2.63
N PRO A 685 -13.04 -7.24 -2.63
CA PRO A 685 -13.36 -8.51 -3.32
C PRO A 685 -13.10 -8.45 -4.83
N THR A 686 -12.75 -9.60 -5.40
CA THR A 686 -12.57 -9.72 -6.84
C THR A 686 -13.69 -9.06 -7.64
N ALA A 687 -14.95 -9.26 -7.25
CA ALA A 687 -16.03 -8.70 -8.03
C ALA A 687 -15.91 -7.18 -8.14
N LYS A 688 -15.57 -6.53 -7.03
CA LYS A 688 -15.43 -5.08 -7.02
C LYS A 688 -14.19 -4.65 -7.81
N VAL A 689 -13.09 -5.39 -7.75
CA VAL A 689 -11.90 -5.09 -8.53
C VAL A 689 -12.24 -5.06 -10.03
N ILE A 690 -12.97 -6.07 -10.48
CA ILE A 690 -13.34 -6.18 -11.88
C ILE A 690 -14.21 -4.98 -12.27
N GLU A 691 -15.19 -4.60 -11.45
CA GLU A 691 -16.02 -3.44 -11.79
C GLU A 691 -15.20 -2.17 -11.85
N GLU A 692 -14.25 -2.04 -10.94
CA GLU A 692 -13.43 -0.82 -10.86
C GLU A 692 -12.53 -0.66 -12.10
N VAL A 693 -11.83 -1.72 -12.50
CA VAL A 693 -10.95 -1.59 -13.67
C VAL A 693 -11.79 -1.42 -14.94
N SER A 694 -12.98 -2.03 -14.98
CA SER A 694 -13.89 -1.84 -16.11
C SER A 694 -14.34 -0.38 -16.17
N ASP A 695 -14.63 0.22 -15.03
CA ASP A 695 -14.97 1.67 -14.99
C ASP A 695 -13.81 2.52 -15.50
N MET A 696 -12.59 2.21 -15.04
CA MET A 696 -11.40 3.01 -15.41
C MET A 696 -11.16 3.01 -16.88
N PHE A 697 -11.12 1.81 -17.45
CA PHE A 697 -10.82 1.69 -18.86
C PHE A 697 -11.96 2.09 -19.79
N ALA A 698 -13.21 1.93 -19.35
CA ALA A 698 -14.34 2.51 -20.08
C ALA A 698 -14.25 4.03 -20.11
N PHE A 699 -13.87 4.65 -19.00
CA PHE A 699 -13.75 6.09 -18.94
C PHE A 699 -12.70 6.53 -19.96
N ILE A 700 -11.53 5.91 -19.93
CA ILE A 700 -10.44 6.21 -20.88
C ILE A 700 -10.95 6.07 -22.33
N ALA A 701 -11.60 4.94 -22.59
CA ALA A 701 -12.03 4.62 -23.97
C ALA A 701 -13.01 5.65 -24.47
N ARG A 702 -13.96 6.01 -23.61
CA ARG A 702 -14.99 6.96 -24.03
C ARG A 702 -14.40 8.37 -24.21
N CYS A 703 -13.58 8.81 -23.26
CA CYS A 703 -13.09 10.18 -23.30
C CYS A 703 -12.10 10.40 -24.43
N LEU A 704 -11.29 9.39 -24.70
CA LEU A 704 -10.27 9.46 -25.75
C LEU A 704 -10.74 8.83 -27.06
N ASN A 705 -11.95 8.29 -27.09
CA ASN A 705 -12.53 7.64 -28.31
C ASN A 705 -11.60 6.56 -28.89
N ILE A 706 -11.26 5.62 -28.03
CA ILE A 706 -10.42 4.49 -28.41
C ILE A 706 -11.29 3.29 -28.79
N ASP A 707 -11.03 2.71 -29.97
CA ASP A 707 -11.72 1.52 -30.41
C ASP A 707 -11.16 0.27 -29.72
N TRP A 708 -12.05 -0.65 -29.40
CA TRP A 708 -11.62 -1.98 -28.95
C TRP A 708 -10.94 -2.74 -30.08
N ILE A 709 -9.89 -3.47 -29.74
CA ILE A 709 -9.19 -4.33 -30.68
C ILE A 709 -9.40 -5.78 -30.21
N PRO A 710 -10.28 -6.55 -30.89
CA PRO A 710 -10.62 -7.90 -30.38
C PRO A 710 -9.44 -8.85 -30.38
#